data_9NLP
#
_entry.id   9NLP
#
_cell.length_a   1.00
_cell.length_b   1.00
_cell.length_c   1.00
_cell.angle_alpha   90.00
_cell.angle_beta   90.00
_cell.angle_gamma   90.00
#
_symmetry.space_group_name_H-M   'P 1'
#
loop_
_entity.id
_entity.type
_entity.pdbx_description
1 polymer 'Reverse transcriptase p66 subunit'
2 polymer 'Reverse transcriptase p51 subunit'
3 non-polymer 4-({5-amino-1-[6-(2-cyanoethyl)naphthalene-1-sulfonyl]-1H-1,2,4-triazol-3-yl}amino)-2-chlorobenzonitrile
#
loop_
_entity_poly.entity_id
_entity_poly.type
_entity_poly.pdbx_seq_one_letter_code
_entity_poly.pdbx_strand_id
1 'polypeptide(L)'
;MPISPIETVPVKLKPGMDGPKVKQWPLTEEKIKALVEICTEMEKEGKISKIGPENPYNTPVFAIKKKDSTKWRKLVDFRE
LNKRTQDFWEVQLGIPHPAGLKQKKSVTVLDVGDAYFSVPLDKDFRKYTAFTIPSINNETPGIRYQYNVLPQGWKGSPAI
FQCSMTKILEPFRKQNPDIVIYQYMDDLYVGSDLEIGQHRTKIEELRQHLLRWGFTTPDKKHQKEPPFLWMGYELHPDKW
TVQPIVLPEKDSWTVNDIQKLVGKLNWASQIYAGIKVRQLCKLLRGTKALTEVVPLTEEAELELAENREILKEPVHGVYY
DPSKDLIAEIQKQGQGQWTYQIYQEPFKNLKTGKYARMKGAHTNDVKQLTEAVQKIATESIVIWGKTPKFKLPIQKETWE
AWWTEYWQATWIPEWEFVNTPPLVKLWYQLEKEPIIGAETFYVDGAANRETKLGKAGYVTDRGRQKVVPLTDTTNQKTEL
QAIHLALQDSGLEVNIVTDSQYALGIIQAQPDKSESELVSQIIEQLIKKEKVYLAWVPAHKGIGGNEQVDGLVSAGIRKV
LHHHHHHHHHH
;
A
2 'polypeptide(L)'
;MPISPIETVPVKLKPGMDGPKVKQWPLTEEKIKALVEICTEMEKEGKISKIGPENPYNTPVFAIKKKDSTKWRKLVDFRE
LNKRTQDFWEVQLGIPHPAGLKQKKSVTVLDVGDAYFSVPLDKDFRKYTAFTIPSINNETPGIRYQYNVLPQGWKGSPAI
FQCSMTKILEPFRKQNPDIVIYQYMDDLYVGSDLEIGQHRTKIEELRQHLLRWGFTTPDKKHQKEPPFLWMGYELHPDKW
TVQPIVLPEKDSWTVNDIQKLVGKLNWASQIYAGIKVRQLCKLLRGTKALTEVVPLTEEAELELAENREILKEPVHGVYY
DPSKDLIAEIQKQGQGQWTYQIYQEPFKNLKTGKYARMKGAHTNDVKQLTEAVQKIATESIVIWGKTPKFKLPIQKETWE
AWWTEYWQATWIPEWEFVNTPPLVKLWYQLEKEPIIGAETF
;
B
#
loop_
_chem_comp.id
_chem_comp.type
_chem_comp.name
_chem_comp.formula
A1BYY non-polymer 4-({5-amino-1-[6-(2-cyanoethyl)naphthalene-1-sulfonyl]-1H-1,2,4-triazol-3-yl}amino)-2-chlorobenzonitrile 'C22 H16 Cl N7 O2 S'
#
# COMPACT_ATOMS: atom_id res chain seq x y z
N PRO A 5 -10.43 9.60 27.50
CA PRO A 5 -9.15 9.02 27.97
C PRO A 5 -8.09 8.98 26.87
N ILE A 6 -8.49 8.57 25.66
CA ILE A 6 -7.57 8.57 24.54
C ILE A 6 -7.27 10.01 24.13
N GLU A 7 -6.09 10.22 23.55
CA GLU A 7 -5.72 11.55 23.07
C GLU A 7 -6.56 11.93 21.86
N THR A 8 -6.94 13.20 21.80
CA THR A 8 -7.76 13.71 20.71
C THR A 8 -6.94 13.89 19.45
N VAL A 9 -7.59 13.75 18.30
CA VAL A 9 -6.96 13.92 17.00
C VAL A 9 -7.26 15.33 16.52
N PRO A 10 -6.26 16.20 16.34
CA PRO A 10 -6.53 17.55 15.85
C PRO A 10 -7.16 17.51 14.47
N VAL A 11 -8.12 18.39 14.24
CA VAL A 11 -8.85 18.45 12.99
C VAL A 11 -9.36 19.87 12.78
N LYS A 12 -9.36 20.31 11.52
CA LYS A 12 -9.79 21.66 11.18
C LYS A 12 -10.74 21.55 10.00
N LEU A 13 -11.08 22.71 9.42
CA LEU A 13 -11.97 22.76 8.28
C LEU A 13 -11.16 23.03 7.01
N LYS A 14 -11.84 23.03 5.88
CA LYS A 14 -11.18 23.41 4.64
C LYS A 14 -10.82 24.90 4.69
N PRO A 15 -9.62 25.27 4.25
CA PRO A 15 -9.21 26.68 4.31
C PRO A 15 -10.15 27.58 3.50
N GLY A 16 -10.38 28.77 4.01
CA GLY A 16 -11.28 29.71 3.37
C GLY A 16 -12.75 29.44 3.62
N MET A 17 -13.08 28.61 4.59
CA MET A 17 -14.44 28.17 4.85
C MET A 17 -14.79 28.41 6.32
N ASP A 18 -16.07 28.64 6.58
CA ASP A 18 -16.53 28.99 7.93
C ASP A 18 -17.59 28.01 8.39
N GLY A 19 -17.89 28.08 9.68
CA GLY A 19 -18.81 27.15 10.31
C GLY A 19 -20.24 27.30 9.83
N PRO A 20 -21.05 26.26 10.06
CA PRO A 20 -22.44 26.26 9.57
C PRO A 20 -23.34 27.11 10.47
N LYS A 21 -23.93 28.15 9.89
CA LYS A 21 -24.94 28.97 10.54
C LYS A 21 -26.30 28.81 9.86
N VAL A 22 -26.56 27.63 9.31
CA VAL A 22 -27.76 27.41 8.51
C VAL A 22 -28.99 27.56 9.38
N LYS A 23 -30.03 28.21 8.83
CA LYS A 23 -31.25 28.47 9.56
C LYS A 23 -32.04 27.17 9.76
N GLN A 24 -32.76 27.11 10.88
CA GLN A 24 -33.62 25.98 11.20
C GLN A 24 -35.03 26.51 11.45
N TRP A 25 -36.01 25.61 11.37
CA TRP A 25 -37.41 25.99 11.53
C TRP A 25 -38.06 25.19 12.65
N PRO A 26 -39.14 25.69 13.25
CA PRO A 26 -39.71 25.02 14.44
C PRO A 26 -40.26 23.63 14.14
N LEU A 27 -40.32 22.82 15.20
CA LEU A 27 -40.75 21.43 15.12
C LEU A 27 -41.96 21.21 16.03
N THR A 28 -42.33 19.94 16.15
CA THR A 28 -43.48 19.51 16.94
C THR A 28 -43.18 19.61 18.44
N GLU A 29 -44.22 19.54 19.28
CA GLU A 29 -44.06 19.67 20.72
C GLU A 29 -43.62 18.37 21.39
N GLU A 30 -44.25 17.25 21.03
CA GLU A 30 -43.82 15.97 21.59
C GLU A 30 -42.41 15.62 21.12
N LYS A 31 -42.11 15.88 19.84
CA LYS A 31 -40.76 15.65 19.34
C LYS A 31 -39.76 16.53 20.07
N ILE A 32 -40.12 17.79 20.34
CA ILE A 32 -39.18 18.66 21.03
C ILE A 32 -39.00 18.22 22.48
N LYS A 33 -40.05 17.68 23.11
CA LYS A 33 -39.90 17.17 24.47
C LYS A 33 -38.99 15.94 24.49
N ALA A 34 -39.14 15.06 23.50
CA ALA A 34 -38.24 13.91 23.40
C ALA A 34 -36.80 14.36 23.17
N LEU A 35 -36.61 15.37 22.32
CA LEU A 35 -35.28 15.91 22.09
C LEU A 35 -34.69 16.51 23.36
N VAL A 36 -35.52 17.21 24.13
CA VAL A 36 -35.05 17.79 25.40
C VAL A 36 -34.62 16.69 26.35
N GLU A 37 -35.43 15.63 26.46
CA GLU A 37 -35.07 14.53 27.35
C GLU A 37 -33.77 13.86 26.91
N ILE A 38 -33.62 13.63 25.60
CA ILE A 38 -32.41 12.99 25.10
C ILE A 38 -31.20 13.87 25.36
N CYS A 39 -31.33 15.17 25.13
CA CYS A 39 -30.21 16.09 25.36
C CYS A 39 -29.85 16.15 26.84
N THR A 40 -30.85 16.13 27.72
CA THR A 40 -30.56 16.13 29.16
C THR A 40 -29.82 14.85 29.55
N GLU A 41 -30.24 13.71 29.01
CA GLU A 41 -29.55 12.47 29.31
C GLU A 41 -28.12 12.49 28.80
N MET A 42 -27.90 13.04 27.61
CA MET A 42 -26.54 13.16 27.09
C MET A 42 -25.69 14.09 27.95
N GLU A 43 -26.28 15.20 28.42
CA GLU A 43 -25.55 16.10 29.30
C GLU A 43 -25.18 15.40 30.61
N LYS A 44 -26.09 14.58 31.13
CA LYS A 44 -25.75 13.77 32.31
C LYS A 44 -24.60 12.83 32.00
N GLU A 45 -24.60 12.22 30.82
CA GLU A 45 -23.54 11.32 30.41
C GLU A 45 -22.30 12.05 29.88
N GLY A 46 -22.41 13.35 29.61
CA GLY A 46 -21.27 14.12 29.16
C GLY A 46 -21.05 14.16 27.66
N LYS A 47 -21.91 13.52 26.88
CA LYS A 47 -21.75 13.54 25.43
C LYS A 47 -22.10 14.89 24.81
N ILE A 48 -22.78 15.76 25.56
CA ILE A 48 -23.22 17.05 25.04
C ILE A 48 -22.88 18.13 26.05
N SER A 49 -22.84 19.37 25.58
CA SER A 49 -22.50 20.52 26.43
C SER A 49 -23.27 21.75 25.96
N LYS A 50 -23.46 22.67 26.90
CA LYS A 50 -24.20 23.90 26.66
C LYS A 50 -23.27 25.02 26.22
N ILE A 51 -23.73 25.82 25.26
CA ILE A 51 -22.94 26.91 24.69
C ILE A 51 -23.78 28.19 24.71
N GLY A 52 -23.12 29.30 25.06
CA GLY A 52 -23.79 30.58 25.12
C GLY A 52 -23.95 31.22 23.75
N PRO A 53 -24.37 32.49 23.73
CA PRO A 53 -24.64 33.16 22.44
C PRO A 53 -23.39 33.49 21.65
N GLU A 54 -22.20 33.38 22.24
CA GLU A 54 -20.97 33.75 21.54
C GLU A 54 -20.70 32.85 20.34
N ASN A 55 -21.30 31.67 20.29
CA ASN A 55 -21.18 30.80 19.12
C ASN A 55 -22.35 31.05 18.20
N PRO A 56 -22.14 31.62 17.01
CA PRO A 56 -23.26 31.88 16.10
C PRO A 56 -23.63 30.71 15.21
N TYR A 57 -22.86 29.62 15.23
CA TYR A 57 -23.12 28.49 14.36
C TYR A 57 -24.41 27.78 14.77
N ASN A 58 -25.13 27.27 13.78
CA ASN A 58 -26.35 26.50 14.03
C ASN A 58 -26.52 25.45 12.96
N THR A 59 -27.03 24.28 13.36
CA THR A 59 -27.26 23.16 12.48
C THR A 59 -28.66 22.60 12.74
N PRO A 60 -29.30 22.04 11.72
CA PRO A 60 -30.66 21.51 11.91
C PRO A 60 -30.67 20.25 12.75
N VAL A 61 -31.85 19.90 13.23
CA VAL A 61 -32.06 18.70 14.03
C VAL A 61 -33.51 18.25 13.84
N PHE A 62 -33.71 16.94 13.79
CA PHE A 62 -35.07 16.42 13.66
C PHE A 62 -35.14 15.02 14.28
N ALA A 63 -36.36 14.64 14.65
CA ALA A 63 -36.60 13.35 15.29
C ALA A 63 -37.25 12.39 14.31
N ILE A 64 -36.83 11.13 14.37
CA ILE A 64 -37.39 10.06 13.56
C ILE A 64 -37.99 9.01 14.50
N LYS A 65 -39.24 8.63 14.24
CA LYS A 65 -39.91 7.64 15.07
C LYS A 65 -39.25 6.28 14.89
N LYS A 66 -38.74 5.72 15.98
CA LYS A 66 -38.16 4.38 15.92
C LYS A 66 -39.24 3.35 15.59
N LYS A 67 -38.86 2.35 14.81
CA LYS A 67 -39.81 1.33 14.38
C LYS A 67 -40.24 0.49 15.57
N ASP A 68 -41.56 0.47 15.83
CA ASP A 68 -42.14 -0.29 16.94
C ASP A 68 -41.49 0.08 18.27
N SER A 69 -41.46 1.38 18.56
CA SER A 69 -40.90 1.86 19.81
C SER A 69 -41.52 3.21 20.14
N THR A 70 -41.65 3.48 21.44
CA THR A 70 -42.21 4.76 21.88
C THR A 70 -41.22 5.89 21.70
N LYS A 71 -39.94 5.63 21.99
CA LYS A 71 -38.92 6.67 21.89
C LYS A 71 -38.61 7.00 20.45
N TRP A 72 -38.22 8.25 20.22
CA TRP A 72 -37.83 8.73 18.90
C TRP A 72 -36.34 9.06 18.89
N ARG A 73 -35.67 8.72 17.80
CA ARG A 73 -34.23 8.94 17.69
C ARG A 73 -33.95 10.34 17.15
N LYS A 74 -32.89 10.95 17.68
CA LYS A 74 -32.43 12.25 17.23
C LYS A 74 -31.47 12.09 16.06
N LEU A 75 -31.74 12.80 14.97
CA LEU A 75 -30.87 12.79 13.81
C LEU A 75 -30.63 14.22 13.38
N VAL A 76 -29.36 14.57 13.16
CA VAL A 76 -28.96 15.92 12.81
C VAL A 76 -28.45 15.90 11.37
N ASP A 77 -29.02 16.77 10.54
CA ASP A 77 -28.59 16.85 9.14
C ASP A 77 -27.19 17.46 9.09
N PHE A 78 -26.20 16.62 8.81
CA PHE A 78 -24.81 17.06 8.72
C PHE A 78 -24.37 17.23 7.26
N ARG A 79 -25.32 17.33 6.33
CA ARG A 79 -24.96 17.46 4.92
C ARG A 79 -24.19 18.73 4.65
N GLU A 80 -24.54 19.83 5.34
CA GLU A 80 -23.81 21.08 5.15
C GLU A 80 -22.44 21.05 5.79
N LEU A 81 -22.31 20.41 6.96
CA LEU A 81 -21.02 20.33 7.65
C LEU A 81 -20.06 19.35 6.98
N ASN A 82 -20.60 18.32 6.33
CA ASN A 82 -19.75 17.34 5.68
C ASN A 82 -18.92 17.95 4.56
N LYS A 83 -19.32 19.09 4.02
CA LYS A 83 -18.50 19.83 3.08
C LYS A 83 -17.60 20.86 3.75
N ARG A 84 -17.74 21.06 5.06
CA ARG A 84 -16.86 21.98 5.78
C ARG A 84 -15.65 21.28 6.38
N THR A 85 -15.82 20.05 6.86
CA THR A 85 -14.72 19.31 7.46
C THR A 85 -13.69 18.95 6.40
N GLN A 86 -12.41 18.97 6.80
CA GLN A 86 -11.32 18.61 5.90
C GLN A 86 -11.50 17.17 5.41
N ASP A 87 -10.71 16.82 4.40
CA ASP A 87 -10.68 15.44 3.94
C ASP A 87 -10.02 14.56 4.99
N PHE A 88 -10.53 13.34 5.13
CA PHE A 88 -9.98 12.36 6.06
C PHE A 88 -9.35 11.22 5.27
N TRP A 89 -8.65 10.33 5.98
CA TRP A 89 -7.95 9.24 5.32
C TRP A 89 -8.93 8.15 4.96
N GLU A 90 -9.23 8.04 3.67
CA GLU A 90 -10.11 7.01 3.14
C GLU A 90 -9.26 5.93 2.48
N VAL A 91 -9.60 4.66 2.76
CA VAL A 91 -8.85 3.53 2.25
C VAL A 91 -9.75 2.70 1.36
N GLN A 92 -9.33 2.48 0.12
CA GLN A 92 -10.07 1.67 -0.84
C GLN A 92 -9.65 0.22 -0.65
N LEU A 93 -10.31 -0.47 0.27
CA LEU A 93 -9.97 -1.84 0.61
C LEU A 93 -11.07 -2.78 0.12
N GLY A 94 -10.67 -3.86 -0.53
CA GLY A 94 -11.62 -4.88 -0.90
C GLY A 94 -12.03 -5.75 0.27
N ILE A 95 -13.14 -6.45 0.08
CA ILE A 95 -13.62 -7.34 1.15
C ILE A 95 -12.59 -8.43 1.38
N PRO A 96 -12.27 -8.78 2.63
CA PRO A 96 -11.28 -9.84 2.87
C PRO A 96 -11.75 -11.15 2.27
N HIS A 97 -10.78 -11.98 1.90
CA HIS A 97 -11.10 -13.21 1.21
C HIS A 97 -11.97 -14.10 2.10
N PRO A 98 -12.75 -14.99 1.53
CA PRO A 98 -13.67 -15.79 2.34
C PRO A 98 -12.93 -16.68 3.32
N ALA A 99 -12.35 -16.07 4.35
CA ALA A 99 -11.76 -16.75 5.49
C ALA A 99 -10.69 -17.76 5.08
N GLY A 100 -10.22 -17.74 3.84
CA GLY A 100 -9.22 -18.70 3.41
C GLY A 100 -7.97 -18.65 4.26
N LEU A 101 -7.62 -17.46 4.74
CA LEU A 101 -6.38 -17.26 5.50
C LEU A 101 -6.53 -17.78 6.92
N LYS A 102 -5.65 -18.72 7.29
CA LYS A 102 -5.44 -19.22 8.65
C LYS A 102 -6.67 -19.83 9.30
N GLN A 103 -6.49 -20.35 10.51
CA GLN A 103 -7.55 -21.03 11.24
C GLN A 103 -7.36 -20.78 12.72
N LYS A 104 -8.48 -20.66 13.45
CA LYS A 104 -8.47 -20.57 14.90
C LYS A 104 -9.47 -21.57 15.46
N LYS A 105 -9.07 -22.25 16.54
CA LYS A 105 -9.89 -23.33 17.08
C LYS A 105 -11.15 -22.79 17.75
N SER A 106 -11.02 -21.76 18.58
CA SER A 106 -12.14 -21.22 19.34
C SER A 106 -12.35 -19.74 18.99
N VAL A 107 -13.60 -19.33 18.98
CA VAL A 107 -13.97 -17.96 18.60
C VAL A 107 -15.04 -17.46 19.54
N THR A 108 -14.90 -16.21 19.96
CA THR A 108 -15.86 -15.54 20.82
C THR A 108 -16.23 -14.22 20.16
N VAL A 109 -17.40 -13.68 20.52
CA VAL A 109 -17.85 -12.39 20.01
C VAL A 109 -18.27 -11.51 21.18
N LEU A 110 -18.06 -10.21 21.01
CA LEU A 110 -18.39 -9.19 22.01
C LEU A 110 -19.09 -8.03 21.33
N ASP A 111 -19.72 -7.18 22.12
CA ASP A 111 -20.46 -6.03 21.60
C ASP A 111 -19.71 -4.74 21.91
N VAL A 112 -19.64 -3.86 20.91
CA VAL A 112 -18.97 -2.56 21.05
C VAL A 112 -19.91 -1.45 20.62
N GLY A 113 -21.21 -1.63 20.86
CA GLY A 113 -22.20 -0.68 20.37
C GLY A 113 -21.98 0.73 20.91
N ASP A 114 -21.73 0.85 22.21
CA ASP A 114 -21.57 2.16 22.83
C ASP A 114 -20.24 2.83 22.49
N ALA A 115 -19.29 2.07 21.93
CA ALA A 115 -17.96 2.62 21.69
C ALA A 115 -18.00 3.83 20.75
N TYR A 116 -19.03 3.91 19.91
CA TYR A 116 -19.13 5.04 18.98
C TYR A 116 -19.37 6.37 19.71
N PHE A 117 -19.74 6.35 20.98
CA PHE A 117 -19.99 7.56 21.74
C PHE A 117 -18.96 7.79 22.84
N SER A 118 -17.90 6.99 22.90
CA SER A 118 -16.91 7.11 23.96
C SER A 118 -15.63 7.79 23.52
N VAL A 119 -15.53 8.21 22.27
CA VAL A 119 -14.31 8.81 21.72
C VAL A 119 -14.42 10.32 21.86
N PRO A 120 -13.56 10.98 22.63
CA PRO A 120 -13.60 12.44 22.73
C PRO A 120 -13.28 13.12 21.42
N LEU A 121 -13.83 14.31 21.25
CA LEU A 121 -13.66 15.13 20.06
C LEU A 121 -12.66 16.24 20.31
N ASP A 122 -12.09 16.76 19.23
CA ASP A 122 -11.10 17.83 19.33
C ASP A 122 -11.73 19.08 19.93
N LYS A 123 -10.93 19.81 20.71
CA LYS A 123 -11.43 21.02 21.35
C LYS A 123 -11.71 22.12 20.34
N ASP A 124 -10.84 22.26 19.34
CA ASP A 124 -11.03 23.33 18.35
C ASP A 124 -12.27 23.11 17.51
N PHE A 125 -12.69 21.86 17.31
CA PHE A 125 -13.81 21.55 16.43
C PHE A 125 -15.13 21.43 17.17
N ARG A 126 -15.13 21.50 18.50
CA ARG A 126 -16.36 21.28 19.25
C ARG A 126 -17.42 22.33 18.93
N LYS A 127 -17.03 23.60 18.91
CA LYS A 127 -17.98 24.69 18.76
C LYS A 127 -18.69 24.69 17.41
N TYR A 128 -18.21 23.91 16.45
CA TYR A 128 -18.85 23.81 15.15
C TYR A 128 -20.03 22.84 15.14
N THR A 129 -20.20 22.04 16.18
CA THR A 129 -21.29 21.08 16.24
C THR A 129 -22.55 21.66 16.87
N ALA A 130 -22.75 22.97 16.76
CA ALA A 130 -23.83 23.64 17.48
C ALA A 130 -25.17 23.39 16.80
N PHE A 131 -26.15 22.91 17.57
CA PHE A 131 -27.51 22.76 17.10
C PHE A 131 -28.47 23.35 18.12
N THR A 132 -29.59 23.89 17.62
CA THR A 132 -30.60 24.50 18.47
C THR A 132 -31.92 23.74 18.36
N ILE A 133 -32.62 23.66 19.47
CA ILE A 133 -33.97 23.11 19.53
C ILE A 133 -34.89 24.20 20.07
N PRO A 134 -35.72 24.79 19.21
CA PRO A 134 -36.61 25.86 19.68
C PRO A 134 -37.67 25.33 20.63
N SER A 135 -38.11 26.20 21.53
CA SER A 135 -39.19 25.87 22.44
C SER A 135 -40.53 25.89 21.71
N ILE A 136 -41.55 25.34 22.36
CA ILE A 136 -42.89 25.29 21.77
C ILE A 136 -43.41 26.72 21.62
N ASN A 137 -43.93 27.04 20.43
CA ASN A 137 -44.53 28.33 20.11
C ASN A 137 -43.51 29.46 20.07
N ASN A 138 -42.26 29.15 20.44
CA ASN A 138 -41.14 30.08 20.32
C ASN A 138 -41.42 31.41 21.02
N GLU A 139 -42.05 31.34 22.20
CA GLU A 139 -42.19 32.54 23.01
C GLU A 139 -40.86 32.93 23.65
N THR A 140 -39.96 31.98 23.84
CA THR A 140 -38.64 32.18 24.39
C THR A 140 -37.61 31.45 23.53
N PRO A 141 -36.35 31.89 23.55
CA PRO A 141 -35.33 31.19 22.76
C PRO A 141 -35.16 29.75 23.20
N GLY A 142 -34.83 28.89 22.25
CA GLY A 142 -34.67 27.47 22.49
C GLY A 142 -33.36 27.15 23.17
N ILE A 143 -33.02 25.85 23.15
CA ILE A 143 -31.85 25.34 23.84
C ILE A 143 -30.79 24.96 22.80
N ARG A 144 -29.56 25.43 22.99
CA ARG A 144 -28.48 25.19 22.06
C ARG A 144 -27.43 24.31 22.71
N TYR A 145 -26.93 23.34 21.95
CA TYR A 145 -25.99 22.35 22.47
C TYR A 145 -24.93 22.05 21.42
N GLN A 146 -23.76 21.60 21.88
CA GLN A 146 -22.73 21.10 20.99
C GLN A 146 -22.11 19.84 21.58
N TYR A 147 -21.62 18.98 20.69
CA TYR A 147 -21.12 17.67 21.10
C TYR A 147 -19.68 17.75 21.61
N ASN A 148 -19.39 16.96 22.64
CA ASN A 148 -18.02 16.77 23.11
C ASN A 148 -17.45 15.43 22.71
N VAL A 149 -18.24 14.58 22.05
CA VAL A 149 -17.79 13.27 21.60
C VAL A 149 -17.98 13.17 20.10
N LEU A 150 -17.69 12.02 19.53
CA LEU A 150 -17.93 11.81 18.11
C LEU A 150 -19.42 11.79 17.83
N PRO A 151 -19.92 12.61 16.92
CA PRO A 151 -21.36 12.59 16.61
C PRO A 151 -21.68 11.64 15.47
N GLN A 152 -22.80 10.94 15.60
CA GLN A 152 -23.24 10.03 14.56
C GLN A 152 -23.68 10.79 13.32
N GLY A 153 -23.32 10.27 12.15
CA GLY A 153 -23.62 10.91 10.90
C GLY A 153 -22.60 11.91 10.43
N TRP A 154 -21.65 12.27 11.29
CA TRP A 154 -20.58 13.16 10.89
C TRP A 154 -19.65 12.46 9.90
N LYS A 155 -19.03 13.25 9.03
CA LYS A 155 -18.20 12.67 7.97
C LYS A 155 -17.01 11.92 8.53
N GLY A 156 -16.34 12.49 9.53
CA GLY A 156 -15.11 11.92 10.04
C GLY A 156 -15.23 10.96 11.19
N SER A 157 -16.43 10.62 11.64
CA SER A 157 -16.56 9.67 12.75
C SER A 157 -16.01 8.28 12.44
N PRO A 158 -16.25 7.66 11.27
CA PRO A 158 -15.74 6.30 11.09
C PRO A 158 -14.22 6.21 11.06
N ALA A 159 -13.54 7.13 10.35
CA ALA A 159 -12.08 7.07 10.29
C ALA A 159 -11.45 7.29 11.65
N ILE A 160 -11.94 8.28 12.40
CA ILE A 160 -11.42 8.52 13.74
C ILE A 160 -11.65 7.31 14.62
N PHE A 161 -12.85 6.71 14.53
CA PHE A 161 -13.13 5.53 15.33
C PHE A 161 -12.22 4.37 14.98
N GLN A 162 -11.94 4.18 13.68
CA GLN A 162 -11.07 3.08 13.28
C GLN A 162 -9.65 3.30 13.79
N CYS A 163 -9.14 4.52 13.67
CA CYS A 163 -7.79 4.81 14.16
C CYS A 163 -7.72 4.61 15.67
N SER A 164 -8.75 5.05 16.40
CA SER A 164 -8.78 4.84 17.84
C SER A 164 -8.81 3.36 18.17
N MET A 165 -9.61 2.58 17.45
CA MET A 165 -9.64 1.13 17.66
C MET A 165 -8.24 0.52 17.49
N THR A 166 -7.56 0.88 16.40
CA THR A 166 -6.25 0.31 16.14
C THR A 166 -5.25 0.70 17.22
N LYS A 167 -5.25 1.97 17.63
CA LYS A 167 -4.31 2.42 18.64
C LYS A 167 -4.62 1.81 20.00
N ILE A 168 -5.89 1.51 20.28
CA ILE A 168 -6.23 0.85 21.54
C ILE A 168 -5.74 -0.59 21.53
N LEU A 169 -5.94 -1.30 20.41
CA LEU A 169 -5.67 -2.73 20.38
C LEU A 169 -4.25 -3.08 19.93
N GLU A 170 -3.42 -2.10 19.59
CA GLU A 170 -2.04 -2.42 19.23
C GLU A 170 -1.27 -3.12 20.34
N PRO A 171 -1.24 -2.63 21.58
CA PRO A 171 -0.49 -3.36 22.62
C PRO A 171 -1.03 -4.76 22.90
N PHE A 172 -2.35 -4.94 22.87
CA PHE A 172 -2.90 -6.27 23.14
C PHE A 172 -2.48 -7.28 22.08
N ARG A 173 -2.47 -6.86 20.81
CA ARG A 173 -1.95 -7.73 19.77
C ARG A 173 -0.45 -7.94 19.92
N LYS A 174 0.27 -6.92 20.42
CA LYS A 174 1.71 -7.07 20.63
C LYS A 174 2.01 -8.14 21.68
N GLN A 175 1.25 -8.17 22.77
CA GLN A 175 1.51 -9.13 23.83
C GLN A 175 1.06 -10.54 23.46
N ASN A 176 0.07 -10.67 22.59
CA ASN A 176 -0.47 -11.97 22.20
C ASN A 176 -0.57 -12.06 20.69
N PRO A 177 0.54 -12.34 20.01
CA PRO A 177 0.51 -12.45 18.54
C PRO A 177 -0.35 -13.61 18.03
N ASP A 178 -0.64 -14.59 18.88
CA ASP A 178 -1.42 -15.76 18.43
C ASP A 178 -2.88 -15.40 18.18
N ILE A 179 -3.42 -14.45 18.93
CA ILE A 179 -4.85 -14.20 18.94
C ILE A 179 -5.19 -13.14 17.89
N VAL A 180 -6.22 -13.42 17.10
CA VAL A 180 -6.66 -12.53 16.02
C VAL A 180 -7.93 -11.81 16.47
N ILE A 181 -8.05 -10.54 16.10
CA ILE A 181 -9.20 -9.72 16.47
C ILE A 181 -9.67 -8.98 15.23
N TYR A 182 -10.99 -8.98 15.01
CA TYR A 182 -11.60 -8.27 13.90
C TYR A 182 -12.85 -7.57 14.41
N GLN A 183 -13.31 -6.57 13.67
CA GLN A 183 -14.49 -5.80 14.05
C GLN A 183 -15.46 -5.78 12.88
N TYR A 184 -16.57 -6.53 13.00
CA TYR A 184 -17.61 -6.55 12.00
C TYR A 184 -18.88 -5.94 12.59
N MET A 185 -19.36 -4.87 11.96
CA MET A 185 -20.54 -4.13 12.41
C MET A 185 -20.28 -3.71 13.85
N ASP A 186 -21.17 -4.00 14.80
CA ASP A 186 -20.97 -3.65 16.19
C ASP A 186 -20.41 -4.81 17.01
N ASP A 187 -19.95 -5.87 16.35
CA ASP A 187 -19.48 -7.08 17.01
C ASP A 187 -17.96 -7.19 16.82
N LEU A 188 -17.25 -7.32 17.94
CA LEU A 188 -15.82 -7.61 17.91
C LEU A 188 -15.62 -9.12 18.02
N TYR A 189 -15.04 -9.71 16.98
CA TYR A 189 -14.82 -11.15 16.91
C TYR A 189 -13.36 -11.46 17.27
N VAL A 190 -13.17 -12.36 18.22
CA VAL A 190 -11.84 -12.75 18.67
C VAL A 190 -11.65 -14.23 18.43
N GLY A 191 -10.56 -14.59 17.76
CA GLY A 191 -10.26 -15.98 17.48
C GLY A 191 -8.91 -16.39 18.03
N SER A 192 -8.86 -17.56 18.68
CA SER A 192 -7.65 -18.06 19.30
C SER A 192 -7.55 -19.56 19.09
N ASP A 193 -6.31 -20.05 19.06
CA ASP A 193 -6.03 -21.48 18.98
C ASP A 193 -5.91 -22.12 20.35
N LEU A 194 -5.85 -21.34 21.43
CA LEU A 194 -5.60 -21.87 22.75
C LEU A 194 -6.79 -22.68 23.25
N GLU A 195 -6.67 -23.21 24.46
CA GLU A 195 -7.73 -24.01 25.05
C GLU A 195 -8.83 -23.11 25.59
N ILE A 196 -9.92 -23.73 26.04
CA ILE A 196 -11.10 -22.99 26.47
C ILE A 196 -10.78 -22.08 27.65
N GLY A 197 -10.12 -22.63 28.67
CA GLY A 197 -9.83 -21.83 29.85
C GLY A 197 -8.90 -20.65 29.57
N GLN A 198 -7.81 -20.91 28.84
CA GLN A 198 -6.89 -19.84 28.49
C GLN A 198 -7.57 -18.76 27.67
N HIS A 199 -8.40 -19.18 26.71
CA HIS A 199 -9.14 -18.22 25.90
C HIS A 199 -10.09 -17.38 26.76
N ARG A 200 -10.74 -18.02 27.73
CA ARG A 200 -11.61 -17.27 28.63
C ARG A 200 -10.84 -16.21 29.42
N THR A 201 -9.69 -16.60 29.99
CA THR A 201 -8.91 -15.61 30.74
C THR A 201 -8.44 -14.48 29.84
N LYS A 202 -8.03 -14.80 28.61
CA LYS A 202 -7.60 -13.76 27.70
C LYS A 202 -8.75 -12.83 27.33
N ILE A 203 -9.96 -13.38 27.18
CA ILE A 203 -11.11 -12.54 26.84
C ILE A 203 -11.44 -11.61 28.00
N GLU A 204 -11.38 -12.12 29.24
CA GLU A 204 -11.62 -11.25 30.39
C GLU A 204 -10.55 -10.17 30.49
N GLU A 205 -9.29 -10.52 30.20
CA GLU A 205 -8.23 -9.52 30.19
C GLU A 205 -8.50 -8.45 29.14
N LEU A 206 -8.94 -8.86 27.95
CA LEU A 206 -9.25 -7.89 26.90
C LEU A 206 -10.41 -6.99 27.31
N ARG A 207 -11.42 -7.56 27.96
CA ARG A 207 -12.54 -6.76 28.42
C ARG A 207 -12.09 -5.73 29.45
N GLN A 208 -11.23 -6.13 30.39
CA GLN A 208 -10.72 -5.19 31.37
C GLN A 208 -9.86 -4.11 30.71
N HIS A 209 -9.08 -4.50 29.70
CA HIS A 209 -8.28 -3.52 28.95
C HIS A 209 -9.16 -2.48 28.29
N LEU A 210 -10.22 -2.94 27.60
CA LEU A 210 -11.10 -2.02 26.91
C LEU A 210 -11.89 -1.15 27.89
N LEU A 211 -12.21 -1.68 29.07
CA LEU A 211 -12.81 -0.85 30.10
C LEU A 211 -11.84 0.23 30.57
N ARG A 212 -10.58 -0.13 30.74
CA ARG A 212 -9.58 0.85 31.16
C ARG A 212 -9.45 1.96 30.14
N TRP A 213 -9.46 1.62 28.85
CA TRP A 213 -9.43 2.67 27.84
C TRP A 213 -10.79 3.30 27.61
N GLY A 214 -11.83 2.86 28.33
CA GLY A 214 -13.12 3.50 28.29
C GLY A 214 -14.15 2.88 27.38
N PHE A 215 -13.75 2.01 26.46
CA PHE A 215 -14.71 1.40 25.54
C PHE A 215 -15.52 0.34 26.28
N THR A 216 -16.81 0.28 25.96
CA THR A 216 -17.78 -0.50 26.70
C THR A 216 -18.09 -1.80 25.96
N THR A 217 -17.94 -2.92 26.65
CA THR A 217 -18.34 -4.22 26.15
C THR A 217 -19.14 -4.94 27.22
N PRO A 218 -20.34 -5.44 26.91
CA PRO A 218 -21.22 -5.96 27.95
C PRO A 218 -20.66 -7.22 28.61
N ASP A 219 -21.00 -7.39 29.88
CA ASP A 219 -20.63 -8.61 30.60
C ASP A 219 -21.40 -9.81 30.05
N LYS A 220 -22.68 -9.61 29.74
CA LYS A 220 -23.52 -10.71 29.27
C LYS A 220 -22.98 -11.30 27.98
N LYS A 221 -22.96 -12.63 27.92
CA LYS A 221 -22.48 -13.32 26.73
C LYS A 221 -23.41 -13.07 25.55
N HIS A 222 -22.83 -12.81 24.38
CA HIS A 222 -23.62 -12.53 23.20
C HIS A 222 -24.32 -13.80 22.72
N GLN A 223 -25.44 -13.61 22.04
CA GLN A 223 -26.30 -14.71 21.60
C GLN A 223 -26.00 -15.18 20.19
N LYS A 224 -24.96 -14.66 19.56
CA LYS A 224 -24.67 -15.01 18.16
C LYS A 224 -24.31 -16.49 18.04
N GLU A 225 -24.90 -17.15 17.05
CA GLU A 225 -24.66 -18.56 16.80
C GLU A 225 -23.29 -18.78 16.18
N PRO A 226 -22.73 -19.99 16.29
CA PRO A 226 -21.44 -20.27 15.66
C PRO A 226 -21.43 -19.99 14.17
N PRO A 227 -22.51 -20.33 13.41
CA PRO A 227 -22.54 -19.90 12.02
C PRO A 227 -22.79 -18.40 11.91
N PHE A 228 -21.74 -17.65 11.58
CA PHE A 228 -21.83 -16.20 11.63
C PHE A 228 -22.49 -15.63 10.37
N LEU A 229 -22.33 -16.30 9.23
CA LEU A 229 -22.94 -15.87 7.97
C LEU A 229 -22.51 -14.45 7.60
N TRP A 230 -21.22 -14.19 7.66
CA TRP A 230 -20.72 -12.85 7.38
C TRP A 230 -20.48 -12.69 5.88
N MET A 231 -21.03 -11.61 5.32
CA MET A 231 -20.83 -11.26 3.91
C MET A 231 -21.19 -12.42 2.98
N GLY A 232 -22.28 -13.10 3.31
CA GLY A 232 -22.74 -14.19 2.48
C GLY A 232 -21.94 -15.47 2.59
N TYR A 233 -21.04 -15.56 3.56
CA TYR A 233 -20.19 -16.72 3.75
C TYR A 233 -20.51 -17.35 5.10
N GLU A 234 -21.08 -18.55 5.08
CA GLU A 234 -21.32 -19.25 6.33
C GLU A 234 -20.00 -19.71 6.92
N LEU A 235 -19.68 -19.20 8.10
CA LEU A 235 -18.38 -19.39 8.71
C LEU A 235 -18.50 -20.31 9.91
N HIS A 236 -17.62 -21.29 9.99
CA HIS A 236 -17.59 -22.28 11.04
C HIS A 236 -16.15 -22.45 11.50
N PRO A 237 -15.93 -22.83 12.77
CA PRO A 237 -14.55 -22.93 13.26
C PRO A 237 -13.65 -23.85 12.45
N ASP A 238 -14.22 -24.83 11.75
CA ASP A 238 -13.41 -25.77 10.99
C ASP A 238 -13.55 -25.61 9.48
N LYS A 239 -14.67 -25.09 8.98
CA LYS A 239 -14.90 -25.01 7.55
C LYS A 239 -15.68 -23.74 7.24
N TRP A 240 -15.95 -23.53 5.95
CA TRP A 240 -16.68 -22.38 5.47
C TRP A 240 -17.43 -22.77 4.20
N THR A 241 -18.58 -22.12 3.97
CA THR A 241 -19.38 -22.42 2.79
C THR A 241 -19.93 -21.12 2.22
N VAL A 242 -20.32 -21.17 0.94
CA VAL A 242 -20.96 -20.03 0.28
C VAL A 242 -22.43 -20.01 0.66
N GLN A 243 -23.10 -18.90 0.37
CA GLN A 243 -24.48 -18.74 0.80
C GLN A 243 -25.40 -19.66 0.01
N PRO A 244 -26.23 -20.47 0.68
CA PRO A 244 -27.18 -21.36 0.01
C PRO A 244 -28.32 -20.61 -0.67
N THR A 254 -36.68 -10.55 -19.53
CA THR A 254 -36.56 -9.10 -19.46
C THR A 254 -35.11 -8.66 -19.64
N VAL A 255 -34.76 -7.52 -19.05
CA VAL A 255 -33.41 -6.99 -19.16
C VAL A 255 -32.58 -7.21 -17.89
N ASN A 256 -33.23 -7.45 -16.74
CA ASN A 256 -32.52 -7.60 -15.48
C ASN A 256 -32.42 -9.03 -15.00
N ASP A 257 -33.28 -9.93 -15.49
CA ASP A 257 -33.30 -11.30 -14.98
C ASP A 257 -32.04 -12.08 -15.30
N ILE A 258 -31.38 -11.79 -16.43
CA ILE A 258 -30.17 -12.52 -16.79
C ILE A 258 -29.00 -12.16 -15.86
N GLN A 259 -28.86 -10.86 -15.53
CA GLN A 259 -27.78 -10.43 -14.64
C GLN A 259 -27.91 -11.03 -13.25
N LYS A 260 -29.13 -11.10 -12.72
CA LYS A 260 -29.34 -11.70 -11.40
C LYS A 260 -28.90 -13.16 -11.39
N LEU A 261 -29.29 -13.91 -12.41
CA LEU A 261 -28.94 -15.33 -12.47
C LEU A 261 -27.44 -15.52 -12.65
N VAL A 262 -26.81 -14.70 -13.49
CA VAL A 262 -25.36 -14.80 -13.67
C VAL A 262 -24.64 -14.50 -12.37
N GLY A 263 -25.08 -13.45 -11.65
CA GLY A 263 -24.46 -13.13 -10.38
C GLY A 263 -24.62 -14.22 -9.34
N LYS A 264 -25.83 -14.78 -9.24
CA LYS A 264 -26.05 -15.88 -8.30
C LYS A 264 -25.28 -17.12 -8.68
N LEU A 265 -25.01 -17.33 -9.97
CA LEU A 265 -24.21 -18.47 -10.38
C LEU A 265 -22.73 -18.27 -10.08
N ASN A 266 -22.24 -17.03 -10.21
CA ASN A 266 -20.81 -16.77 -9.97
C ASN A 266 -20.42 -16.99 -8.53
N TRP A 267 -21.25 -16.55 -7.58
CA TRP A 267 -20.91 -16.68 -6.16
C TRP A 267 -20.88 -18.14 -5.72
N ALA A 268 -21.77 -18.97 -6.27
CA ALA A 268 -21.87 -20.36 -5.86
C ALA A 268 -20.71 -21.21 -6.39
N SER A 269 -19.82 -20.64 -7.21
CA SER A 269 -18.73 -21.38 -7.81
C SER A 269 -17.50 -21.50 -6.92
N GLN A 270 -17.55 -20.95 -5.70
CA GLN A 270 -16.34 -20.91 -4.88
C GLN A 270 -16.09 -22.24 -4.20
N ILE A 271 -17.05 -22.74 -3.41
CA ILE A 271 -16.90 -24.00 -2.72
C ILE A 271 -17.74 -25.12 -3.34
N TYR A 272 -18.83 -24.79 -4.04
CA TYR A 272 -19.61 -25.78 -4.76
C TYR A 272 -18.99 -25.98 -6.15
N ALA A 273 -17.85 -26.66 -6.16
CA ALA A 273 -17.11 -26.86 -7.40
C ALA A 273 -17.94 -27.64 -8.42
N GLY A 274 -17.79 -27.26 -9.69
CA GLY A 274 -18.59 -27.83 -10.76
C GLY A 274 -19.58 -26.87 -11.38
N ILE A 275 -19.52 -25.58 -11.04
CA ILE A 275 -20.44 -24.59 -11.58
C ILE A 275 -19.99 -24.24 -13.00
N LYS A 276 -20.89 -24.43 -13.97
CA LYS A 276 -20.59 -24.11 -15.35
C LYS A 276 -21.65 -23.18 -15.93
N LEU A 302 -28.89 -26.48 -21.78
CA LEU A 302 -29.68 -26.54 -20.55
C LEU A 302 -28.78 -26.76 -19.34
N GLU A 303 -28.15 -25.68 -18.88
CA GLU A 303 -27.22 -25.74 -17.75
C GLU A 303 -27.91 -25.53 -16.41
N LEU A 304 -29.23 -25.35 -16.39
CA LEU A 304 -29.93 -25.24 -15.11
C LEU A 304 -29.88 -26.57 -14.36
N ALA A 305 -30.04 -27.68 -15.07
CA ALA A 305 -30.10 -28.99 -14.43
C ALA A 305 -28.80 -29.30 -13.71
N GLU A 306 -27.66 -29.02 -14.33
CA GLU A 306 -26.38 -29.29 -13.67
C GLU A 306 -26.19 -28.40 -12.45
N ASN A 307 -26.66 -27.15 -12.52
CA ASN A 307 -26.58 -26.27 -11.36
C ASN A 307 -27.40 -26.81 -10.19
N ARG A 308 -28.63 -27.25 -10.48
CA ARG A 308 -29.45 -27.83 -9.43
C ARG A 308 -28.83 -29.11 -8.87
N GLU A 309 -28.24 -29.92 -9.74
CA GLU A 309 -27.61 -31.16 -9.30
C GLU A 309 -26.42 -30.89 -8.40
N ILE A 310 -25.58 -29.92 -8.77
CA ILE A 310 -24.38 -29.65 -7.97
C ILE A 310 -24.75 -28.94 -6.67
N LEU A 311 -25.82 -28.14 -6.66
CA LEU A 311 -26.22 -27.51 -5.41
C LEU A 311 -26.75 -28.53 -4.41
N LYS A 312 -27.31 -29.65 -4.89
CA LYS A 312 -27.81 -30.68 -3.99
C LYS A 312 -26.70 -31.41 -3.26
N GLU A 313 -25.45 -31.26 -3.67
CA GLU A 313 -24.34 -31.95 -3.04
C GLU A 313 -23.67 -31.01 -2.05
N PRO A 314 -23.80 -31.23 -0.74
CA PRO A 314 -23.12 -30.34 0.22
C PRO A 314 -21.62 -30.45 0.11
N VAL A 315 -20.94 -29.33 0.38
CA VAL A 315 -19.49 -29.21 0.28
C VAL A 315 -18.98 -28.44 1.49
N HIS A 316 -17.66 -28.36 1.60
CA HIS A 316 -17.02 -27.63 2.68
C HIS A 316 -15.61 -27.25 2.24
N GLY A 317 -15.01 -26.32 2.96
CA GLY A 317 -13.65 -25.89 2.68
C GLY A 317 -12.83 -25.72 3.94
N VAL A 318 -11.64 -26.34 3.98
CA VAL A 318 -10.79 -26.27 5.16
C VAL A 318 -10.02 -24.95 5.10
N TYR A 319 -9.40 -24.56 6.21
CA TYR A 319 -8.67 -23.30 6.28
C TYR A 319 -7.18 -23.51 6.02
N TYR A 320 -6.51 -22.41 5.69
CA TYR A 320 -5.09 -22.45 5.37
C TYR A 320 -4.24 -22.75 6.59
N ASP A 321 -3.14 -23.47 6.37
CA ASP A 321 -2.16 -23.79 7.40
C ASP A 321 -0.79 -23.27 6.99
N PRO A 322 -0.11 -22.50 7.83
CA PRO A 322 1.12 -21.83 7.40
C PRO A 322 2.30 -22.76 7.24
N SER A 323 2.39 -23.81 8.06
CA SER A 323 3.54 -24.70 8.02
C SER A 323 3.62 -25.43 6.68
N LYS A 324 2.51 -25.98 6.23
CA LYS A 324 2.47 -26.67 4.95
C LYS A 324 2.43 -25.66 3.82
N ASP A 325 3.12 -25.97 2.72
CA ASP A 325 3.14 -25.09 1.57
C ASP A 325 1.88 -25.29 0.72
N LEU A 326 1.63 -24.32 -0.15
CA LEU A 326 0.43 -24.27 -0.98
C LEU A 326 0.69 -24.94 -2.32
N ILE A 327 -0.35 -25.60 -2.84
CA ILE A 327 -0.28 -26.23 -4.15
C ILE A 327 -1.53 -25.86 -4.93
N ALA A 328 -1.33 -25.34 -6.14
CA ALA A 328 -2.45 -24.97 -7.00
C ALA A 328 -2.46 -25.86 -8.24
N GLU A 329 -3.64 -26.39 -8.57
CA GLU A 329 -3.81 -27.26 -9.72
C GLU A 329 -4.76 -26.64 -10.72
N ILE A 330 -4.50 -26.89 -12.00
CA ILE A 330 -5.19 -26.25 -13.12
C ILE A 330 -5.91 -27.34 -13.89
N GLN A 331 -7.12 -27.04 -14.38
CA GLN A 331 -7.83 -27.93 -15.29
C GLN A 331 -8.38 -27.12 -16.46
N LYS A 332 -8.15 -27.61 -17.67
CA LYS A 332 -8.58 -26.96 -18.90
C LYS A 332 -9.99 -27.44 -19.24
N GLN A 333 -11.00 -26.63 -18.91
CA GLN A 333 -12.38 -27.05 -19.15
C GLN A 333 -12.73 -26.96 -20.63
N GLY A 334 -12.06 -26.06 -21.35
CA GLY A 334 -12.28 -25.89 -22.77
C GLY A 334 -12.88 -24.53 -23.10
N GLN A 335 -12.95 -24.28 -24.40
CA GLN A 335 -13.51 -23.05 -24.99
C GLN A 335 -13.11 -21.81 -24.19
N GLY A 336 -11.82 -21.73 -23.86
CA GLY A 336 -11.31 -20.60 -23.13
C GLY A 336 -11.71 -20.53 -21.68
N GLN A 337 -11.94 -21.68 -21.04
CA GLN A 337 -12.32 -21.73 -19.63
C GLN A 337 -11.36 -22.64 -18.87
N TRP A 338 -10.92 -22.18 -17.70
CA TRP A 338 -10.05 -22.97 -16.84
C TRP A 338 -10.61 -22.97 -15.43
N THR A 339 -10.41 -24.07 -14.72
CA THR A 339 -10.84 -24.21 -13.33
C THR A 339 -9.63 -24.50 -12.47
N TYR A 340 -9.43 -23.70 -11.43
CA TYR A 340 -8.26 -23.85 -10.58
C TYR A 340 -8.67 -24.19 -9.16
N GLN A 341 -7.92 -25.12 -8.56
CA GLN A 341 -8.16 -25.54 -7.19
C GLN A 341 -6.88 -25.35 -6.39
N ILE A 342 -6.97 -24.62 -5.29
CA ILE A 342 -5.85 -24.39 -4.39
C ILE A 342 -6.05 -25.26 -3.17
N TYR A 343 -5.06 -26.07 -2.85
CA TYR A 343 -5.14 -26.98 -1.72
C TYR A 343 -3.76 -27.16 -1.10
N GLN A 344 -3.74 -27.52 0.19
CA GLN A 344 -2.50 -27.90 0.86
C GLN A 344 -2.19 -29.36 0.63
N GLU A 345 -3.08 -30.25 1.10
CA GLU A 345 -3.01 -31.67 0.89
C GLU A 345 -4.13 -32.13 -0.03
N PRO A 346 -3.95 -33.23 -0.75
CA PRO A 346 -4.99 -33.66 -1.70
C PRO A 346 -6.32 -33.93 -1.01
N PHE A 347 -7.40 -33.65 -1.74
CA PHE A 347 -8.79 -33.88 -1.34
C PHE A 347 -9.28 -32.91 -0.29
N LYS A 348 -8.50 -31.88 0.03
CA LYS A 348 -8.90 -30.84 0.99
C LYS A 348 -8.65 -29.48 0.34
N ASN A 349 -9.62 -29.01 -0.43
CA ASN A 349 -9.45 -27.79 -1.20
C ASN A 349 -9.54 -26.56 -0.31
N LEU A 350 -8.53 -25.69 -0.42
CA LEU A 350 -8.60 -24.39 0.24
C LEU A 350 -9.50 -23.43 -0.53
N LYS A 351 -9.48 -23.51 -1.86
CA LYS A 351 -10.29 -22.61 -2.67
C LYS A 351 -10.49 -23.21 -4.05
N THR A 352 -11.54 -22.76 -4.72
CA THR A 352 -11.82 -23.13 -6.10
C THR A 352 -12.27 -21.90 -6.87
N GLY A 353 -11.83 -21.79 -8.13
CA GLY A 353 -12.19 -20.65 -8.94
C GLY A 353 -12.17 -20.99 -10.41
N LYS A 354 -12.63 -20.03 -11.22
CA LYS A 354 -12.68 -20.19 -12.67
C LYS A 354 -12.11 -18.96 -13.35
N TYR A 355 -11.35 -19.20 -14.42
CA TYR A 355 -10.77 -18.13 -15.23
C TYR A 355 -11.29 -18.21 -16.65
N ALA A 356 -11.66 -17.06 -17.20
CA ALA A 356 -12.22 -16.96 -18.54
C ALA A 356 -11.37 -16.02 -19.38
N ARG A 357 -11.23 -16.33 -20.67
CA ARG A 357 -10.35 -15.56 -21.54
C ARG A 357 -10.95 -14.21 -21.88
N MET A 358 -10.07 -13.26 -22.19
CA MET A 358 -10.50 -11.91 -22.51
C MET A 358 -11.01 -11.84 -23.94
N LYS A 359 -12.08 -11.08 -24.14
CA LYS A 359 -12.82 -11.08 -25.41
C LYS A 359 -11.97 -10.41 -26.49
N GLY A 360 -11.32 -11.22 -27.32
CA GLY A 360 -10.45 -10.72 -28.37
C GLY A 360 -10.58 -11.56 -29.63
N ALA A 361 -9.86 -11.14 -30.66
CA ALA A 361 -9.91 -11.82 -31.94
C ALA A 361 -9.31 -13.22 -31.86
N HIS A 362 -8.12 -13.34 -31.28
CA HIS A 362 -7.44 -14.62 -31.18
C HIS A 362 -6.59 -14.64 -29.93
N THR A 363 -6.61 -15.76 -29.21
CA THR A 363 -5.86 -15.93 -27.98
C THR A 363 -5.30 -17.33 -27.92
N ASN A 364 -3.99 -17.44 -27.67
CA ASN A 364 -3.33 -18.74 -27.64
C ASN A 364 -3.58 -19.44 -26.31
N ASP A 365 -3.58 -20.78 -26.34
CA ASP A 365 -3.91 -21.56 -25.17
C ASP A 365 -2.90 -21.35 -24.05
N VAL A 366 -1.60 -21.36 -24.39
CA VAL A 366 -0.57 -21.16 -23.38
C VAL A 366 -0.63 -19.75 -22.82
N LYS A 367 -1.02 -18.78 -23.64
CA LYS A 367 -1.17 -17.41 -23.14
C LYS A 367 -2.27 -17.33 -22.08
N GLN A 368 -3.41 -18.00 -22.33
CA GLN A 368 -4.44 -18.06 -21.30
C GLN A 368 -3.95 -18.79 -20.06
N LEU A 369 -3.19 -19.87 -20.25
CA LEU A 369 -2.66 -20.60 -19.10
C LEU A 369 -1.78 -19.70 -18.23
N THR A 370 -0.90 -18.93 -18.88
CA THR A 370 0.00 -18.07 -18.13
C THR A 370 -0.75 -16.93 -17.45
N GLU A 371 -1.72 -16.33 -18.14
CA GLU A 371 -2.53 -15.32 -17.47
C GLU A 371 -3.24 -15.90 -16.26
N ALA A 372 -3.78 -17.11 -16.39
CA ALA A 372 -4.47 -17.74 -15.27
C ALA A 372 -3.52 -17.97 -14.10
N VAL A 373 -2.32 -18.49 -14.38
CA VAL A 373 -1.42 -18.84 -13.29
C VAL A 373 -0.91 -17.58 -12.59
N GLN A 374 -0.62 -16.52 -13.35
CA GLN A 374 -0.18 -15.29 -12.71
C GLN A 374 -1.31 -14.63 -11.93
N LYS A 375 -2.55 -14.73 -12.42
CA LYS A 375 -3.69 -14.21 -11.68
C LYS A 375 -3.86 -14.96 -10.36
N ILE A 376 -3.71 -16.29 -10.39
CA ILE A 376 -3.81 -17.06 -9.15
C ILE A 376 -2.67 -16.71 -8.21
N ALA A 377 -1.47 -16.46 -8.75
CA ALA A 377 -0.36 -16.06 -7.90
C ALA A 377 -0.63 -14.74 -7.20
N THR A 378 -1.14 -13.76 -7.95
CA THR A 378 -1.46 -12.46 -7.36
C THR A 378 -2.55 -12.59 -6.31
N GLU A 379 -3.59 -13.38 -6.60
CA GLU A 379 -4.65 -13.58 -5.62
C GLU A 379 -4.12 -14.25 -4.36
N SER A 380 -3.22 -15.23 -4.52
CA SER A 380 -2.63 -15.87 -3.34
C SER A 380 -1.77 -14.91 -2.55
N ILE A 381 -1.06 -14.01 -3.24
CA ILE A 381 -0.27 -13.00 -2.55
C ILE A 381 -1.19 -12.11 -1.71
N VAL A 382 -2.30 -11.69 -2.28
CA VAL A 382 -3.24 -10.85 -1.52
C VAL A 382 -3.83 -11.61 -0.35
N ILE A 383 -4.19 -12.88 -0.57
CA ILE A 383 -4.99 -13.61 0.42
C ILE A 383 -4.09 -14.23 1.48
N TRP A 384 -3.01 -14.88 1.08
CA TRP A 384 -2.14 -15.57 2.03
C TRP A 384 -0.79 -14.91 2.22
N GLY A 385 -0.23 -14.31 1.19
CA GLY A 385 1.05 -13.63 1.27
C GLY A 385 2.20 -14.36 0.62
N LYS A 386 2.07 -15.65 0.33
CA LYS A 386 3.10 -16.41 -0.33
C LYS A 386 2.56 -16.98 -1.63
N THR A 387 3.25 -16.72 -2.73
CA THR A 387 2.84 -17.31 -3.99
C THR A 387 2.98 -18.83 -3.91
N PRO A 388 2.05 -19.57 -4.49
CA PRO A 388 2.07 -21.03 -4.34
C PRO A 388 2.78 -21.71 -5.49
N LYS A 389 3.23 -22.94 -5.23
CA LYS A 389 3.75 -23.77 -6.29
C LYS A 389 2.60 -24.43 -7.04
N PHE A 390 2.85 -24.74 -8.31
CA PHE A 390 1.79 -25.14 -9.22
C PHE A 390 2.04 -26.54 -9.74
N LYS A 391 0.95 -27.24 -10.05
CA LYS A 391 0.99 -28.54 -10.70
C LYS A 391 0.15 -28.41 -11.97
N LEU A 392 0.84 -28.27 -13.09
CA LEU A 392 0.19 -27.98 -14.36
C LEU A 392 0.27 -29.18 -15.30
N PRO A 393 -0.74 -29.36 -16.15
CA PRO A 393 -0.69 -30.46 -17.14
C PRO A 393 -0.04 -30.02 -18.46
N ILE A 394 1.19 -29.52 -18.37
CA ILE A 394 1.90 -29.02 -19.53
C ILE A 394 3.31 -29.61 -19.55
N GLN A 395 3.87 -29.74 -20.75
CA GLN A 395 5.21 -30.26 -20.91
C GLN A 395 6.24 -29.14 -20.71
N LYS A 396 7.36 -29.50 -20.10
CA LYS A 396 8.35 -28.50 -19.71
C LYS A 396 8.92 -27.76 -20.92
N GLU A 397 9.22 -28.48 -21.99
CA GLU A 397 9.83 -27.86 -23.16
C GLU A 397 8.89 -26.88 -23.84
N THR A 398 7.57 -27.02 -23.65
CA THR A 398 6.63 -26.12 -24.27
C THR A 398 6.83 -24.68 -23.80
N TRP A 399 6.99 -24.49 -22.50
CA TRP A 399 7.21 -23.15 -21.97
C TRP A 399 8.54 -22.58 -22.42
N GLU A 400 9.58 -23.41 -22.51
CA GLU A 400 10.87 -22.92 -22.99
C GLU A 400 10.76 -22.44 -24.44
N ALA A 401 10.08 -23.22 -25.28
CA ALA A 401 9.87 -22.79 -26.66
C ALA A 401 9.04 -21.52 -26.72
N TRP A 402 8.04 -21.41 -25.84
CA TRP A 402 7.21 -20.21 -25.79
C TRP A 402 8.05 -18.98 -25.47
N TRP A 403 8.92 -19.07 -24.46
CA TRP A 403 9.78 -17.94 -24.11
C TRP A 403 10.73 -17.61 -25.25
N THR A 404 11.28 -18.62 -25.91
CA THR A 404 12.14 -18.35 -27.06
C THR A 404 11.37 -17.63 -28.16
N GLU A 405 10.06 -17.87 -28.28
CA GLU A 405 9.28 -17.24 -29.33
C GLU A 405 8.54 -15.98 -28.90
N TYR A 406 8.24 -15.83 -27.62
CA TYR A 406 7.42 -14.71 -27.18
C TYR A 406 8.21 -13.41 -27.23
N TRP A 407 7.51 -12.30 -27.50
CA TRP A 407 8.15 -11.00 -27.62
C TRP A 407 8.11 -10.20 -26.32
N GLN A 408 7.20 -10.51 -25.41
CA GLN A 408 7.09 -9.82 -24.14
C GLN A 408 7.90 -10.54 -23.07
N ALA A 409 7.73 -10.13 -21.81
CA ALA A 409 8.36 -10.77 -20.68
C ALA A 409 7.28 -11.29 -19.74
N THR A 410 7.40 -12.55 -19.36
CA THR A 410 6.40 -13.21 -18.53
C THR A 410 7.06 -13.83 -17.31
N TRP A 411 6.29 -13.95 -16.23
CA TRP A 411 6.79 -14.51 -14.99
C TRP A 411 6.38 -15.97 -14.89
N ILE A 412 7.36 -16.83 -14.63
CA ILE A 412 7.17 -18.28 -14.64
C ILE A 412 7.71 -18.87 -13.36
N PRO A 413 6.88 -19.52 -12.55
CA PRO A 413 7.36 -20.18 -11.34
C PRO A 413 7.70 -21.63 -11.60
N GLU A 414 8.43 -22.23 -10.66
CA GLU A 414 8.73 -23.64 -10.73
C GLU A 414 7.43 -24.45 -10.61
N TRP A 415 7.31 -25.49 -11.43
CA TRP A 415 6.09 -26.27 -11.49
C TRP A 415 6.42 -27.73 -11.74
N GLU A 416 5.49 -28.60 -11.35
CA GLU A 416 5.63 -30.04 -11.54
C GLU A 416 4.51 -30.53 -12.46
N PHE A 417 4.88 -31.21 -13.53
CA PHE A 417 3.89 -31.72 -14.47
C PHE A 417 3.17 -32.92 -13.88
N VAL A 418 1.85 -32.96 -14.07
CA VAL A 418 0.99 -34.03 -13.59
C VAL A 418 0.22 -34.59 -14.78
N ASN A 419 0.22 -35.92 -14.90
CA ASN A 419 -0.45 -36.58 -16.02
C ASN A 419 -1.96 -36.41 -15.89
N THR A 420 -2.54 -35.64 -16.80
CA THR A 420 -3.97 -35.36 -16.83
C THR A 420 -4.44 -35.53 -18.27
N PRO A 421 -5.68 -35.99 -18.48
CA PRO A 421 -6.17 -36.22 -19.85
C PRO A 421 -6.08 -34.99 -20.74
N PRO A 422 -6.36 -33.78 -20.24
CA PRO A 422 -6.15 -32.59 -21.11
C PRO A 422 -4.69 -32.44 -21.47
N LEU A 423 -4.42 -32.31 -22.78
CA LEU A 423 -3.04 -32.33 -23.26
C LEU A 423 -2.45 -30.92 -23.31
N VAL A 424 -3.22 -29.95 -23.81
CA VAL A 424 -2.83 -28.54 -23.95
C VAL A 424 -1.41 -28.41 -24.50
N LYS A 425 -1.06 -29.29 -25.45
CA LYS A 425 0.28 -29.28 -26.02
C LYS A 425 0.56 -28.00 -26.81
N LEU A 426 -0.51 -27.27 -27.15
CA LEU A 426 -0.53 -26.00 -27.90
C LEU A 426 -0.30 -26.23 -29.39
N TRP A 427 0.04 -27.45 -29.77
CA TRP A 427 0.28 -27.83 -31.18
C TRP A 427 1.35 -26.89 -31.73
N TYR A 428 1.18 -26.33 -32.92
CA TYR A 428 2.13 -25.37 -33.48
C TYR A 428 1.40 -24.16 -34.05
N ILE B 6 19.69 22.84 14.63
CA ILE B 6 19.79 24.06 13.84
C ILE B 6 18.41 24.43 13.31
N GLU B 7 18.26 25.69 12.86
CA GLU B 7 17.00 26.14 12.32
C GLU B 7 16.67 25.38 11.04
N THR B 8 15.39 25.07 10.86
CA THR B 8 14.97 24.32 9.68
C THR B 8 14.85 25.26 8.47
N VAL B 9 14.81 24.64 7.30
CA VAL B 9 14.79 25.36 6.03
C VAL B 9 13.35 25.40 5.52
N PRO B 10 12.83 26.56 5.11
CA PRO B 10 11.45 26.62 4.62
C PRO B 10 11.31 26.03 3.22
N VAL B 11 10.32 25.16 3.05
CA VAL B 11 9.99 24.58 1.76
C VAL B 11 8.49 24.69 1.57
N LYS B 12 8.07 24.71 0.30
CA LYS B 12 6.67 24.90 -0.04
C LYS B 12 6.32 23.93 -1.16
N LEU B 13 5.15 24.10 -1.76
CA LEU B 13 4.69 23.29 -2.88
C LEU B 13 4.46 24.18 -4.09
N LYS B 14 4.19 23.54 -5.22
CA LYS B 14 3.76 24.28 -6.39
C LYS B 14 2.36 24.85 -6.12
N PRO B 15 2.15 26.14 -6.28
CA PRO B 15 0.84 26.73 -5.98
C PRO B 15 -0.26 26.09 -6.82
N GLY B 16 -1.40 25.87 -6.20
CA GLY B 16 -2.51 25.22 -6.86
C GLY B 16 -2.42 23.71 -6.92
N MET B 17 -1.46 23.10 -6.23
CA MET B 17 -1.24 21.67 -6.25
C MET B 17 -1.36 21.12 -4.84
N ASP B 18 -2.20 20.10 -4.67
CA ASP B 18 -2.38 19.47 -3.37
C ASP B 18 -1.33 18.39 -3.14
N GLY B 19 -1.36 17.79 -1.96
CA GLY B 19 -0.41 16.77 -1.60
C GLY B 19 -0.66 15.46 -2.34
N PRO B 20 0.29 14.52 -2.24
CA PRO B 20 0.16 13.27 -2.99
C PRO B 20 -0.70 12.26 -2.26
N LYS B 21 -1.59 11.60 -3.00
CA LYS B 21 -2.37 10.47 -2.48
C LYS B 21 -2.30 9.36 -3.51
N VAL B 22 -1.61 8.27 -3.16
CA VAL B 22 -1.38 7.16 -4.08
C VAL B 22 -1.73 5.87 -3.35
N LYS B 23 -2.37 4.95 -4.08
CA LYS B 23 -2.71 3.65 -3.50
C LYS B 23 -1.46 2.82 -3.28
N GLN B 24 -1.50 2.00 -2.24
CA GLN B 24 -0.37 1.16 -1.84
C GLN B 24 -0.62 -0.26 -2.32
N TRP B 25 0.30 -0.80 -3.11
CA TRP B 25 0.10 -2.14 -3.66
C TRP B 25 0.39 -3.20 -2.60
N PRO B 26 -0.24 -4.36 -2.68
CA PRO B 26 0.00 -5.41 -1.67
C PRO B 26 1.41 -5.96 -1.77
N LEU B 27 1.91 -6.47 -0.65
CA LEU B 27 3.25 -7.03 -0.54
C LEU B 27 3.18 -8.42 0.09
N THR B 28 4.28 -9.15 -0.01
CA THR B 28 4.36 -10.50 0.52
C THR B 28 4.51 -10.46 2.04
N GLU B 29 4.75 -11.63 2.64
CA GLU B 29 4.89 -11.70 4.09
C GLU B 29 6.26 -11.22 4.55
N GLU B 30 7.33 -11.76 3.94
CA GLU B 30 8.67 -11.42 4.38
C GLU B 30 8.99 -9.95 4.14
N LYS B 31 8.52 -9.40 3.03
CA LYS B 31 8.73 -7.98 2.77
C LYS B 31 8.07 -7.13 3.85
N ILE B 32 6.87 -7.51 4.27
CA ILE B 32 6.19 -6.76 5.32
C ILE B 32 6.93 -6.90 6.64
N LYS B 33 7.45 -8.09 6.95
CA LYS B 33 8.21 -8.26 8.18
C LYS B 33 9.46 -7.37 8.18
N ALA B 34 10.17 -7.36 7.07
CA ALA B 34 11.37 -6.52 6.98
C ALA B 34 11.04 -5.05 7.09
N LEU B 35 9.96 -4.62 6.42
CA LEU B 35 9.55 -3.22 6.52
C LEU B 35 9.17 -2.85 7.94
N VAL B 36 8.47 -3.74 8.64
CA VAL B 36 8.10 -3.46 10.03
C VAL B 36 9.36 -3.32 10.88
N GLU B 37 10.34 -4.20 10.68
CA GLU B 37 11.57 -4.09 11.46
C GLU B 37 12.31 -2.78 11.18
N ILE B 38 12.45 -2.42 9.91
CA ILE B 38 13.14 -1.17 9.56
C ILE B 38 12.43 0.01 10.17
N CYS B 39 11.10 0.05 10.06
CA CYS B 39 10.36 1.20 10.55
C CYS B 39 10.38 1.27 12.07
N THR B 40 10.36 0.13 12.76
CA THR B 40 10.49 0.15 14.21
C THR B 40 11.84 0.69 14.62
N GLU B 41 12.91 0.28 13.94
CA GLU B 41 14.23 0.83 14.26
C GLU B 41 14.27 2.34 14.00
N MET B 42 13.69 2.79 12.88
CA MET B 42 13.69 4.21 12.57
C MET B 42 12.92 5.00 13.62
N GLU B 43 11.76 4.51 14.04
CA GLU B 43 10.99 5.20 15.07
C GLU B 43 11.71 5.20 16.41
N LYS B 44 12.46 4.14 16.71
CA LYS B 44 13.29 4.15 17.90
C LYS B 44 14.36 5.23 17.81
N GLU B 45 14.94 5.42 16.61
CA GLU B 45 15.92 6.47 16.40
C GLU B 45 15.29 7.85 16.25
N GLY B 46 13.96 7.95 16.19
CA GLY B 46 13.30 9.23 16.18
C GLY B 46 13.23 9.92 14.83
N LYS B 47 13.57 9.23 13.75
CA LYS B 47 13.52 9.82 12.42
C LYS B 47 12.21 9.54 11.70
N ILE B 48 11.31 8.79 12.31
CA ILE B 48 10.02 8.45 11.73
C ILE B 48 8.97 8.51 12.83
N SER B 49 7.84 9.14 12.56
CA SER B 49 6.79 9.30 13.56
C SER B 49 5.45 8.85 12.98
N LYS B 50 4.63 8.24 13.84
CA LYS B 50 3.30 7.81 13.42
C LYS B 50 2.37 9.00 13.25
N ILE B 51 1.35 8.82 12.42
CA ILE B 51 0.34 9.85 12.20
C ILE B 51 -1.04 9.24 12.33
N GLY B 52 -2.02 10.10 12.56
CA GLY B 52 -3.39 9.67 12.70
C GLY B 52 -4.11 9.64 11.36
N PRO B 53 -5.44 9.66 11.39
CA PRO B 53 -6.21 9.65 10.14
C PRO B 53 -6.43 11.03 9.54
N GLU B 54 -6.03 12.09 10.23
CA GLU B 54 -6.26 13.44 9.73
C GLU B 54 -5.39 13.78 8.53
N ASN B 55 -4.38 12.97 8.23
CA ASN B 55 -3.52 13.22 7.08
C ASN B 55 -4.02 12.36 5.93
N PRO B 56 -4.64 12.94 4.90
CA PRO B 56 -5.15 12.14 3.78
C PRO B 56 -4.13 11.82 2.70
N TYR B 57 -2.86 12.12 2.91
CA TYR B 57 -1.83 11.91 1.91
C TYR B 57 -1.16 10.56 2.11
N ASN B 58 -0.89 9.87 1.00
CA ASN B 58 -0.34 8.53 1.03
C ASN B 58 0.81 8.42 0.06
N THR B 59 1.64 7.41 0.24
CA THR B 59 2.78 7.16 -0.62
C THR B 59 3.22 5.70 -0.48
N PRO B 60 3.45 4.99 -1.58
CA PRO B 60 3.82 3.58 -1.48
C PRO B 60 5.17 3.38 -0.81
N VAL B 61 5.35 2.19 -0.26
CA VAL B 61 6.62 1.79 0.36
C VAL B 61 6.80 0.30 0.15
N PHE B 62 8.05 -0.12 -0.07
CA PHE B 62 8.33 -1.53 -0.26
C PHE B 62 9.80 -1.80 0.01
N ALA B 63 10.13 -3.06 0.25
CA ALA B 63 11.46 -3.47 0.65
C ALA B 63 12.20 -4.09 -0.53
N ILE B 64 13.44 -3.66 -0.74
CA ILE B 64 14.32 -4.29 -1.71
C ILE B 64 15.44 -4.99 -0.94
N LYS B 65 16.31 -5.69 -1.68
CA LYS B 65 17.45 -6.37 -1.08
C LYS B 65 18.68 -6.10 -1.92
N LYS B 66 19.59 -5.30 -1.38
CA LYS B 66 20.88 -5.09 -2.03
C LYS B 66 21.73 -6.35 -1.91
N LYS B 67 22.77 -6.44 -2.74
CA LYS B 67 23.66 -7.59 -2.70
C LYS B 67 24.31 -7.71 -1.32
N ASP B 68 24.28 -8.92 -0.78
CA ASP B 68 24.84 -9.23 0.54
C ASP B 68 24.22 -8.33 1.62
N SER B 69 22.90 -8.47 1.76
CA SER B 69 22.15 -7.73 2.76
C SER B 69 21.64 -8.71 3.82
N THR B 70 21.98 -8.45 5.08
CA THR B 70 21.42 -9.22 6.18
C THR B 70 19.98 -8.84 6.47
N LYS B 71 19.57 -7.64 6.07
CA LYS B 71 18.20 -7.17 6.23
C LYS B 71 17.83 -6.36 5.01
N TRP B 72 16.56 -6.40 4.64
CA TRP B 72 16.08 -5.65 3.49
C TRP B 72 16.27 -4.15 3.72
N ARG B 73 16.11 -3.38 2.64
CA ARG B 73 16.21 -1.93 2.68
C ARG B 73 14.88 -1.33 2.25
N LYS B 74 14.38 -0.39 3.04
CA LYS B 74 13.11 0.27 2.72
C LYS B 74 13.29 1.24 1.57
N LEU B 75 12.27 1.35 0.72
CA LEU B 75 12.31 2.18 -0.47
C LEU B 75 10.93 2.78 -0.68
N VAL B 76 10.86 4.09 -0.85
CA VAL B 76 9.59 4.81 -0.96
C VAL B 76 9.49 5.44 -2.34
N ASP B 77 8.27 5.38 -2.90
CA ASP B 77 8.00 5.89 -4.25
C ASP B 77 7.50 7.32 -4.15
N PHE B 78 8.45 8.25 -4.03
CA PHE B 78 8.16 9.68 -3.95
C PHE B 78 7.99 10.31 -5.32
N ARG B 79 7.67 9.53 -6.35
CA ARG B 79 7.52 10.10 -7.68
C ARG B 79 6.40 11.12 -7.73
N GLU B 80 5.25 10.80 -7.12
CA GLU B 80 4.13 11.73 -7.13
C GLU B 80 4.49 13.02 -6.43
N LEU B 81 5.15 12.93 -5.27
CA LEU B 81 5.57 14.14 -4.57
C LEU B 81 6.60 14.91 -5.38
N ASN B 82 7.59 14.21 -5.95
CA ASN B 82 8.61 14.88 -6.75
C ASN B 82 7.97 15.67 -7.89
N LYS B 83 6.96 15.10 -8.54
CA LYS B 83 6.22 15.87 -9.53
C LYS B 83 5.49 17.04 -8.90
N ARG B 84 4.89 16.82 -7.72
CA ARG B 84 3.99 17.79 -7.14
C ARG B 84 4.65 18.74 -6.15
N THR B 85 5.94 18.57 -5.85
CA THR B 85 6.59 19.49 -4.92
C THR B 85 7.12 20.71 -5.65
N GLN B 86 7.65 21.64 -4.86
CA GLN B 86 7.92 23.00 -5.32
C GLN B 86 8.97 23.00 -6.43
N ASP B 87 9.02 24.13 -7.14
CA ASP B 87 10.11 24.38 -8.08
C ASP B 87 11.36 24.81 -7.32
N PHE B 88 11.87 23.90 -6.49
CA PHE B 88 12.93 24.22 -5.55
C PHE B 88 14.32 23.95 -6.10
N TRP B 89 14.45 23.59 -7.37
CA TRP B 89 15.72 23.13 -7.91
C TRP B 89 16.09 23.79 -9.24
N GLU B 90 15.59 24.99 -9.51
CA GLU B 90 16.17 25.83 -10.55
C GLU B 90 16.69 27.14 -9.96
N VAL B 91 15.93 27.75 -9.05
CA VAL B 91 16.46 28.86 -8.27
C VAL B 91 17.51 28.36 -7.27
N GLN B 92 17.19 27.29 -6.54
CA GLN B 92 18.21 26.51 -5.83
C GLN B 92 18.53 25.25 -6.63
N LEU B 93 19.18 25.47 -7.78
CA LEU B 93 19.53 24.36 -8.67
C LEU B 93 20.49 23.39 -8.00
N GLY B 94 21.38 23.88 -7.16
CA GLY B 94 22.41 23.05 -6.55
C GLY B 94 23.73 23.18 -7.26
N ILE B 95 24.16 22.13 -7.94
CA ILE B 95 25.40 22.15 -8.71
C ILE B 95 25.15 21.55 -10.09
N PRO B 96 25.51 22.24 -11.17
CA PRO B 96 25.37 21.65 -12.51
C PRO B 96 26.20 20.39 -12.63
N HIS B 97 25.69 19.42 -13.37
CA HIS B 97 26.38 18.15 -13.52
C HIS B 97 27.67 18.35 -14.30
N PRO B 98 28.81 17.87 -13.80
CA PRO B 98 30.05 17.98 -14.56
C PRO B 98 29.96 17.21 -15.87
N ALA B 99 30.64 17.71 -16.89
CA ALA B 99 30.69 17.06 -18.18
C ALA B 99 31.85 16.07 -18.30
N GLY B 100 32.60 15.88 -17.21
CA GLY B 100 33.75 15.00 -17.25
C GLY B 100 33.46 13.53 -16.98
N LEU B 101 32.21 13.18 -16.65
CA LEU B 101 31.93 11.82 -16.18
C LEU B 101 32.18 10.77 -17.25
N LYS B 102 31.91 11.11 -18.51
CA LYS B 102 31.94 10.08 -19.55
C LYS B 102 33.36 9.71 -19.98
N GLN B 103 34.30 10.66 -20.02
CA GLN B 103 35.59 10.37 -20.63
C GLN B 103 36.50 9.56 -19.71
N LYS B 104 36.29 9.65 -18.39
CA LYS B 104 37.20 8.94 -17.49
C LYS B 104 37.01 7.43 -17.59
N LYS B 105 38.03 6.71 -17.13
CA LYS B 105 38.00 5.25 -17.24
C LYS B 105 37.28 4.61 -16.07
N SER B 106 37.22 5.28 -14.90
CA SER B 106 36.66 4.66 -13.72
C SER B 106 35.77 5.62 -12.95
N VAL B 107 34.64 5.12 -12.46
CA VAL B 107 33.71 5.86 -11.63
C VAL B 107 33.08 4.90 -10.63
N THR B 108 33.08 5.30 -9.36
CA THR B 108 32.60 4.45 -8.26
C THR B 108 31.45 5.14 -7.55
N VAL B 109 30.41 4.37 -7.24
CA VAL B 109 29.23 4.90 -6.57
C VAL B 109 29.37 4.71 -5.06
N LEU B 110 28.85 5.67 -4.30
CA LEU B 110 28.83 5.59 -2.84
C LEU B 110 27.48 6.03 -2.33
N ASP B 111 27.13 5.55 -1.14
CA ASP B 111 25.87 5.86 -0.48
C ASP B 111 26.12 6.83 0.67
N VAL B 112 25.37 7.93 0.70
CA VAL B 112 25.52 8.96 1.72
C VAL B 112 24.18 9.26 2.36
N GLY B 113 23.29 8.26 2.40
CA GLY B 113 21.94 8.50 2.89
C GLY B 113 21.87 8.93 4.35
N ASP B 114 22.82 8.45 5.16
CA ASP B 114 22.77 8.76 6.59
C ASP B 114 22.98 10.26 6.83
N ALA B 115 23.85 10.89 6.03
CA ALA B 115 24.03 12.33 6.14
C ALA B 115 22.73 13.07 5.87
N TYR B 116 21.94 12.58 4.89
CA TYR B 116 20.61 13.13 4.67
C TYR B 116 19.74 12.91 5.90
N PHE B 117 19.79 11.71 6.49
CA PHE B 117 18.97 11.41 7.66
C PHE B 117 19.35 12.25 8.88
N SER B 118 20.54 12.85 8.88
CA SER B 118 20.95 13.63 10.04
C SER B 118 20.19 14.95 10.14
N VAL B 119 20.06 15.67 9.03
CA VAL B 119 19.53 17.04 9.04
C VAL B 119 18.01 17.03 9.06
N PRO B 120 17.36 17.94 9.79
CA PRO B 120 15.91 17.92 9.92
C PRO B 120 15.19 18.70 8.82
N LEU B 121 13.92 18.35 8.63
CA LEU B 121 13.07 18.92 7.59
C LEU B 121 12.15 19.98 8.18
N ASP B 122 11.59 20.80 7.28
CA ASP B 122 10.61 21.80 7.67
C ASP B 122 9.37 21.16 8.26
N LYS B 123 8.82 21.78 9.29
CA LYS B 123 7.67 21.19 9.97
C LYS B 123 6.44 21.17 9.06
N ASP B 124 6.11 22.31 8.46
CA ASP B 124 4.88 22.44 7.70
C ASP B 124 4.90 21.67 6.38
N PHE B 125 5.91 20.85 6.15
CA PHE B 125 5.93 19.95 5.00
C PHE B 125 5.85 18.48 5.40
N ARG B 126 6.10 18.17 6.67
CA ARG B 126 6.21 16.76 7.08
C ARG B 126 4.93 15.98 6.83
N LYS B 127 3.79 16.66 6.64
CA LYS B 127 2.55 15.95 6.40
C LYS B 127 2.55 15.25 5.05
N TYR B 128 3.31 15.76 4.08
CA TYR B 128 3.23 15.24 2.72
C TYR B 128 4.09 14.03 2.47
N THR B 129 4.94 13.64 3.43
CA THR B 129 5.83 12.48 3.28
C THR B 129 5.34 11.29 4.08
N ALA B 130 4.03 11.05 4.12
CA ALA B 130 3.48 9.91 4.85
C ALA B 130 3.36 8.70 3.93
N PHE B 131 3.69 7.53 4.48
CA PHE B 131 3.58 6.27 3.75
C PHE B 131 2.85 5.25 4.63
N THR B 132 2.43 4.15 4.02
CA THR B 132 1.60 3.17 4.71
C THR B 132 2.11 1.76 4.41
N ILE B 133 2.42 1.01 5.47
CA ILE B 133 2.77 -0.40 5.36
C ILE B 133 1.48 -1.20 5.38
N PRO B 134 1.23 -2.06 4.38
CA PRO B 134 -0.07 -2.74 4.30
C PRO B 134 -0.20 -3.91 5.26
N SER B 135 -1.30 -4.65 5.13
CA SER B 135 -1.50 -5.89 5.88
C SER B 135 -2.03 -6.95 4.92
N ILE B 136 -1.79 -8.21 5.27
CA ILE B 136 -2.19 -9.33 4.41
C ILE B 136 -3.65 -9.67 4.65
N ASN B 137 -4.33 -10.06 3.57
CA ASN B 137 -5.74 -10.47 3.58
C ASN B 137 -6.66 -9.32 3.99
N ASN B 138 -6.22 -8.08 3.84
CA ASN B 138 -7.03 -6.91 4.20
C ASN B 138 -7.52 -7.00 5.64
N GLU B 139 -6.72 -7.66 6.50
CA GLU B 139 -7.18 -7.98 7.84
C GLU B 139 -7.39 -6.71 8.67
N THR B 140 -6.40 -5.83 8.69
CA THR B 140 -6.48 -4.56 9.38
C THR B 140 -5.97 -3.47 8.46
N PRO B 141 -6.33 -2.21 8.72
CA PRO B 141 -5.69 -1.11 8.00
C PRO B 141 -4.20 -1.07 8.29
N GLY B 142 -3.43 -0.61 7.30
CA GLY B 142 -2.00 -0.58 7.42
C GLY B 142 -1.52 0.39 8.48
N ILE B 143 -0.21 0.40 8.68
CA ILE B 143 0.41 1.30 9.65
C ILE B 143 0.98 2.50 8.90
N ARG B 144 0.65 3.70 9.37
CA ARG B 144 1.03 4.93 8.69
C ARG B 144 2.19 5.61 9.39
N TYR B 145 3.09 6.20 8.61
CA TYR B 145 4.28 6.85 9.14
C TYR B 145 4.56 8.12 8.36
N GLN B 146 5.41 8.97 8.93
CA GLN B 146 5.87 10.19 8.27
C GLN B 146 7.29 10.48 8.72
N TYR B 147 7.99 11.25 7.90
CA TYR B 147 9.41 11.53 8.12
C TYR B 147 9.60 12.74 9.00
N ASN B 148 10.61 12.69 9.86
CA ASN B 148 10.99 13.83 10.68
C ASN B 148 12.34 14.43 10.29
N VAL B 149 13.05 13.82 9.36
CA VAL B 149 14.30 14.34 8.83
C VAL B 149 14.20 14.33 7.31
N LEU B 150 15.27 14.77 6.66
CA LEU B 150 15.28 14.81 5.21
C LEU B 150 15.16 13.40 4.66
N PRO B 151 14.17 13.11 3.81
CA PRO B 151 13.94 11.73 3.38
C PRO B 151 14.89 11.33 2.27
N GLN B 152 14.95 10.02 2.03
CA GLN B 152 15.68 9.47 0.90
C GLN B 152 14.79 9.43 -0.33
N GLY B 153 15.43 9.41 -1.50
CA GLY B 153 14.70 9.34 -2.74
C GLY B 153 13.91 10.59 -3.08
N TRP B 154 14.04 11.65 -2.30
CA TRP B 154 13.39 12.92 -2.55
C TRP B 154 14.47 13.90 -2.99
N LYS B 155 14.19 14.65 -4.06
CA LYS B 155 15.23 15.51 -4.61
C LYS B 155 15.47 16.76 -3.77
N GLY B 156 14.63 17.03 -2.77
CA GLY B 156 14.88 18.16 -1.90
C GLY B 156 16.04 17.95 -0.95
N SER B 157 16.32 16.70 -0.61
CA SER B 157 17.42 16.42 0.32
C SER B 157 18.78 16.84 -0.21
N PRO B 158 19.19 16.48 -1.43
CA PRO B 158 20.50 16.98 -1.92
C PRO B 158 20.54 18.49 -2.06
N ALA B 159 19.44 19.10 -2.50
CA ALA B 159 19.40 20.55 -2.65
C ALA B 159 19.59 21.24 -1.30
N ILE B 160 18.97 20.71 -0.24
CA ILE B 160 19.15 21.28 1.08
C ILE B 160 20.56 21.01 1.61
N PHE B 161 21.09 19.81 1.36
CA PHE B 161 22.35 19.40 1.94
C PHE B 161 23.56 19.98 1.22
N GLN B 162 23.36 20.60 0.04
CA GLN B 162 24.44 21.17 -0.76
C GLN B 162 25.55 21.83 0.06
N CYS B 163 25.18 22.67 1.03
CA CYS B 163 26.19 23.42 1.78
C CYS B 163 27.08 22.49 2.60
N SER B 164 26.47 21.59 3.36
CA SER B 164 27.26 20.66 4.17
C SER B 164 28.07 19.73 3.29
N MET B 165 27.52 19.35 2.13
CA MET B 165 28.24 18.46 1.23
C MET B 165 29.48 19.16 0.67
N THR B 166 29.35 20.44 0.29
CA THR B 166 30.50 21.18 -0.20
C THR B 166 31.52 21.42 0.91
N LYS B 167 31.06 21.65 2.14
CA LYS B 167 32.00 21.90 3.23
C LYS B 167 32.93 20.71 3.46
N ILE B 168 32.40 19.48 3.34
CA ILE B 168 33.23 18.29 3.56
C ILE B 168 33.92 17.82 2.29
N LEU B 169 33.51 18.31 1.12
CA LEU B 169 34.11 17.87 -0.13
C LEU B 169 35.22 18.79 -0.62
N GLU B 170 35.44 19.93 0.04
CA GLU B 170 36.49 20.84 -0.41
C GLU B 170 37.90 20.25 -0.34
N PRO B 171 38.33 19.53 0.73
CA PRO B 171 39.73 19.11 0.77
C PRO B 171 40.07 18.13 -0.34
N PHE B 172 39.20 17.13 -0.52
CA PHE B 172 39.45 16.10 -1.54
C PHE B 172 39.52 16.70 -2.93
N ARG B 173 38.58 17.59 -3.26
CA ARG B 173 38.59 18.22 -4.58
C ARG B 173 39.82 19.10 -4.75
N LYS B 174 40.25 19.77 -3.67
CA LYS B 174 41.44 20.60 -3.75
C LYS B 174 42.71 19.77 -3.88
N GLN B 175 42.66 18.49 -3.47
CA GLN B 175 43.83 17.63 -3.58
C GLN B 175 44.28 17.50 -5.03
N ASN B 176 43.34 17.17 -5.92
CA ASN B 176 43.64 17.07 -7.34
C ASN B 176 42.39 17.38 -8.14
N PRO B 177 42.43 18.38 -9.03
CA PRO B 177 41.20 18.83 -9.72
C PRO B 177 40.61 17.79 -10.67
N ASP B 178 41.38 16.83 -11.15
CA ASP B 178 40.89 15.91 -12.16
C ASP B 178 39.90 14.88 -11.60
N ILE B 179 40.10 14.43 -10.36
CA ILE B 179 39.14 13.52 -9.74
C ILE B 179 37.90 14.32 -9.37
N VAL B 180 36.73 13.93 -9.90
CA VAL B 180 35.54 14.75 -9.71
C VAL B 180 34.53 13.97 -8.87
N ILE B 181 33.59 14.70 -8.28
CA ILE B 181 32.51 14.12 -7.50
C ILE B 181 31.20 14.73 -7.98
N TYR B 182 30.21 13.88 -8.20
CA TYR B 182 28.90 14.31 -8.64
C TYR B 182 27.90 13.73 -7.66
N GLN B 183 26.80 14.43 -7.41
CA GLN B 183 25.79 13.91 -6.51
C GLN B 183 24.47 13.79 -7.26
N TYR B 184 23.75 12.71 -6.99
CA TYR B 184 22.42 12.53 -7.54
C TYR B 184 21.62 11.72 -6.53
N MET B 185 20.70 12.39 -5.84
CA MET B 185 19.93 11.80 -4.75
C MET B 185 20.93 11.26 -3.75
N ASP B 186 20.84 10.00 -3.34
CA ASP B 186 21.83 9.43 -2.43
C ASP B 186 23.14 9.10 -3.12
N ASP B 187 23.10 8.80 -4.41
CA ASP B 187 24.29 8.36 -5.13
C ASP B 187 25.35 9.45 -5.13
N LEU B 188 26.59 9.07 -4.81
CA LEU B 188 27.73 9.97 -4.93
C LEU B 188 28.74 9.29 -5.86
N TYR B 189 28.94 9.88 -7.03
CA TYR B 189 29.85 9.31 -8.02
C TYR B 189 31.21 9.96 -7.89
N VAL B 190 32.25 9.14 -7.75
CA VAL B 190 33.63 9.60 -7.74
C VAL B 190 34.28 9.13 -9.04
N GLY B 191 34.77 10.08 -9.83
CA GLY B 191 35.31 9.79 -11.14
C GLY B 191 36.81 10.06 -11.19
N SER B 192 37.54 9.07 -11.70
CA SER B 192 39.00 9.14 -11.85
C SER B 192 39.40 8.39 -13.11
N ASP B 193 40.56 8.75 -13.64
CA ASP B 193 41.15 8.13 -14.82
C ASP B 193 42.53 7.56 -14.49
N LEU B 194 42.65 6.89 -13.36
CA LEU B 194 43.90 6.31 -12.88
C LEU B 194 43.76 4.78 -12.83
N GLU B 195 44.78 4.14 -12.28
CA GLU B 195 44.76 2.68 -12.16
C GLU B 195 43.74 2.25 -11.11
N ILE B 196 43.38 0.97 -11.16
CA ILE B 196 42.34 0.44 -10.27
C ILE B 196 42.79 0.52 -8.81
N GLY B 197 44.05 0.16 -8.53
CA GLY B 197 44.52 0.20 -7.15
C GLY B 197 44.51 1.60 -6.57
N GLN B 198 45.02 2.58 -7.33
CA GLN B 198 45.02 3.95 -6.86
C GLN B 198 43.60 4.47 -6.67
N HIS B 199 42.71 4.15 -7.61
CA HIS B 199 41.32 4.57 -7.49
C HIS B 199 40.68 3.99 -6.23
N ARG B 200 40.91 2.70 -5.98
CA ARG B 200 40.33 2.06 -4.81
C ARG B 200 40.88 2.66 -3.52
N THR B 201 42.18 2.94 -3.49
CA THR B 201 42.77 3.56 -2.31
C THR B 201 42.18 4.94 -2.06
N LYS B 202 42.02 5.74 -3.12
CA LYS B 202 41.40 7.05 -2.96
C LYS B 202 39.95 6.93 -2.51
N ILE B 203 39.25 5.93 -3.02
CA ILE B 203 37.85 5.71 -2.63
C ILE B 203 37.76 5.40 -1.15
N GLU B 204 38.64 4.50 -0.66
CA GLU B 204 38.67 4.19 0.76
C GLU B 204 39.05 5.43 1.57
N GLU B 205 39.98 6.25 1.06
CA GLU B 205 40.34 7.46 1.76
C GLU B 205 39.13 8.37 1.93
N LEU B 206 38.34 8.53 0.87
CA LEU B 206 37.13 9.32 0.97
C LEU B 206 36.10 8.67 1.89
N ARG B 207 36.05 7.33 1.90
CA ARG B 207 35.10 6.63 2.76
C ARG B 207 35.37 6.92 4.24
N GLN B 208 36.62 6.75 4.66
CA GLN B 208 36.87 7.06 6.08
C GLN B 208 36.98 8.56 6.32
N HIS B 209 37.16 9.37 5.28
CA HIS B 209 36.97 10.82 5.40
C HIS B 209 35.54 11.13 5.84
N LEU B 210 34.57 10.56 5.13
CA LEU B 210 33.17 10.74 5.49
C LEU B 210 32.88 10.18 6.88
N LEU B 211 33.45 9.01 7.18
CA LEU B 211 33.23 8.42 8.50
C LEU B 211 33.78 9.31 9.61
N ARG B 212 34.97 9.89 9.40
CA ARG B 212 35.56 10.77 10.39
C ARG B 212 34.74 12.03 10.57
N TRP B 213 34.20 12.57 9.46
CA TRP B 213 33.32 13.74 9.59
C TRP B 213 32.06 13.39 10.39
N GLY B 214 31.49 12.23 10.14
CA GLY B 214 30.27 11.83 10.82
C GLY B 214 30.51 11.29 12.22
N PHE B 215 30.17 12.09 13.23
CA PHE B 215 30.36 11.65 14.62
C PHE B 215 29.49 10.45 14.94
N THR B 216 28.26 10.43 14.44
CA THR B 216 27.33 9.33 14.69
C THR B 216 27.82 8.03 14.05
N GLU B 225 30.38 2.58 10.93
CA GLU B 225 30.86 1.86 9.76
C GLU B 225 29.81 0.89 9.23
N PRO B 226 28.76 1.42 8.60
CA PRO B 226 27.69 0.56 8.08
C PRO B 226 28.18 -0.26 6.91
N PRO B 227 27.94 -1.57 6.93
CA PRO B 227 28.32 -2.40 5.76
C PRO B 227 27.64 -1.96 4.47
N PHE B 228 26.39 -1.52 4.55
CA PHE B 228 25.69 -1.06 3.35
C PHE B 228 26.28 0.25 2.85
N LEU B 229 26.72 1.13 3.77
CA LEU B 229 27.31 2.39 3.36
C LEU B 229 28.62 2.17 2.60
N TRP B 230 29.43 1.22 3.08
CA TRP B 230 30.74 0.97 2.48
C TRP B 230 30.65 0.26 1.13
N MET B 231 29.54 -0.41 0.84
CA MET B 231 29.43 -1.16 -0.40
C MET B 231 29.26 -0.22 -1.59
N GLY B 232 29.96 -0.50 -2.68
CA GLY B 232 29.81 0.25 -3.91
C GLY B 232 30.27 -0.61 -5.07
N TYR B 233 29.85 -0.21 -6.27
CA TYR B 233 30.25 -0.92 -7.47
C TYR B 233 30.97 0.02 -8.43
N GLU B 234 31.68 -0.58 -9.37
CA GLU B 234 32.55 0.13 -10.31
C GLU B 234 31.94 0.07 -11.70
N LEU B 235 32.12 1.15 -12.46
CA LEU B 235 31.62 1.24 -13.83
C LEU B 235 32.72 1.79 -14.72
N HIS B 236 32.78 1.30 -15.96
CA HIS B 236 33.81 1.69 -16.93
C HIS B 236 33.17 2.35 -18.15
N PRO B 237 32.96 3.66 -18.12
CA PRO B 237 32.36 4.34 -19.29
C PRO B 237 33.14 4.15 -20.58
N ASP B 238 34.48 4.12 -20.51
CA ASP B 238 35.27 4.00 -21.73
C ASP B 238 35.06 2.65 -22.40
N LYS B 239 34.62 1.65 -21.64
CA LYS B 239 34.33 0.35 -22.22
C LYS B 239 33.13 0.40 -23.16
N TRP B 240 32.24 1.36 -22.96
CA TRP B 240 31.06 1.48 -23.79
C TRP B 240 31.45 1.91 -25.21
N THR B 241 30.55 1.64 -26.14
CA THR B 241 30.66 2.21 -27.48
C THR B 241 30.42 3.71 -27.42
N VAL B 242 31.12 4.43 -28.29
CA VAL B 242 31.01 5.89 -28.35
C VAL B 242 30.15 6.35 -29.53
N GLN B 243 30.38 5.79 -30.71
CA GLN B 243 29.63 6.13 -31.92
C GLN B 243 29.66 7.63 -32.21
N GLY B 317 25.24 11.51 -28.48
CA GLY B 317 24.25 12.23 -29.26
C GLY B 317 24.78 13.52 -29.87
N VAL B 318 24.16 13.96 -30.96
CA VAL B 318 24.60 15.19 -31.62
C VAL B 318 24.36 16.39 -30.71
N TYR B 319 23.19 16.46 -30.08
CA TYR B 319 22.88 17.54 -29.17
C TYR B 319 21.87 17.04 -28.13
N TYR B 320 21.73 17.81 -27.06
CA TYR B 320 20.86 17.45 -25.95
C TYR B 320 20.18 18.71 -25.42
N ASP B 321 18.88 18.62 -25.18
CA ASP B 321 18.09 19.74 -24.67
C ASP B 321 17.66 19.47 -23.24
N PRO B 322 18.15 20.23 -22.26
CA PRO B 322 17.81 19.93 -20.86
C PRO B 322 16.33 20.06 -20.55
N SER B 323 15.61 20.95 -21.24
CA SER B 323 14.21 21.18 -20.90
C SER B 323 13.35 19.96 -21.22
N LYS B 324 13.54 19.36 -22.39
CA LYS B 324 12.72 18.23 -22.80
C LYS B 324 13.10 16.98 -22.00
N ASP B 325 12.10 16.15 -21.73
CA ASP B 325 12.30 14.89 -21.04
C ASP B 325 12.57 13.78 -22.06
N LEU B 326 13.56 12.94 -21.77
CA LEU B 326 13.98 11.90 -22.70
C LEU B 326 13.29 10.58 -22.38
N ILE B 327 13.25 9.70 -23.37
CA ILE B 327 12.61 8.39 -23.25
C ILE B 327 13.59 7.31 -23.68
N ALA B 328 13.52 6.18 -22.98
CA ALA B 328 14.32 5.00 -23.27
C ALA B 328 13.38 3.82 -23.42
N GLU B 329 13.44 3.17 -24.58
CA GLU B 329 12.58 2.04 -24.91
C GLU B 329 13.39 0.76 -24.79
N ILE B 330 12.78 -0.26 -24.18
CA ILE B 330 13.41 -1.57 -24.05
C ILE B 330 12.69 -2.55 -24.97
N GLN B 331 13.44 -3.46 -25.58
CA GLN B 331 12.86 -4.52 -26.39
C GLN B 331 13.61 -5.81 -26.12
N LYS B 332 12.92 -6.93 -26.31
CA LYS B 332 13.45 -8.25 -25.97
C LYS B 332 13.93 -8.96 -27.22
N GLN B 333 15.19 -9.39 -27.22
CA GLN B 333 15.79 -10.18 -28.28
C GLN B 333 16.03 -11.60 -27.78
N GLY B 334 15.99 -12.55 -28.71
CA GLY B 334 15.96 -13.95 -28.34
C GLY B 334 17.15 -14.38 -27.51
N GLN B 335 16.95 -15.42 -26.70
CA GLN B 335 18.00 -16.01 -25.88
C GLN B 335 18.47 -14.98 -24.84
N GLY B 336 17.48 -14.47 -24.10
CA GLY B 336 17.73 -13.60 -22.99
C GLY B 336 18.45 -12.31 -23.31
N GLN B 337 18.35 -11.81 -24.53
CA GLN B 337 19.01 -10.57 -24.90
C GLN B 337 18.02 -9.41 -24.79
N TRP B 338 18.53 -8.21 -24.58
CA TRP B 338 17.69 -7.01 -24.54
C TRP B 338 18.39 -5.87 -25.26
N THR B 339 17.60 -5.08 -25.99
CA THR B 339 18.10 -3.95 -26.75
C THR B 339 17.38 -2.70 -26.29
N TYR B 340 18.14 -1.67 -25.94
CA TYR B 340 17.59 -0.43 -25.42
C TYR B 340 18.00 0.75 -26.28
N GLN B 341 17.07 1.69 -26.45
CA GLN B 341 17.32 2.90 -27.20
C GLN B 341 16.93 4.11 -26.35
N ILE B 342 17.87 5.04 -26.19
CA ILE B 342 17.67 6.27 -25.43
C ILE B 342 17.63 7.43 -26.43
N TYR B 343 16.58 8.25 -26.35
CA TYR B 343 16.49 9.42 -27.21
C TYR B 343 15.40 10.34 -26.68
N GLN B 344 15.50 11.62 -27.06
CA GLN B 344 14.47 12.61 -26.76
C GLN B 344 13.43 12.67 -27.88
N GLU B 345 13.86 12.57 -29.13
CA GLU B 345 12.97 12.56 -30.28
C GLU B 345 13.03 11.22 -30.98
N PRO B 346 11.90 10.73 -31.49
CA PRO B 346 11.90 9.43 -32.18
C PRO B 346 12.70 9.47 -33.47
N PHE B 347 13.18 8.29 -33.87
CA PHE B 347 13.96 8.07 -35.09
C PHE B 347 15.30 8.78 -35.07
N LYS B 348 15.76 9.25 -33.91
CA LYS B 348 17.09 9.83 -33.75
C LYS B 348 17.68 9.28 -32.45
N ASN B 349 18.38 8.17 -32.56
CA ASN B 349 18.87 7.46 -31.39
C ASN B 349 20.03 8.23 -30.75
N LEU B 350 19.80 8.76 -29.54
CA LEU B 350 20.90 9.34 -28.78
C LEU B 350 21.87 8.25 -28.35
N LYS B 351 21.36 7.10 -27.92
CA LYS B 351 22.21 5.98 -27.54
C LYS B 351 21.50 4.68 -27.84
N THR B 352 22.26 3.68 -28.27
CA THR B 352 21.75 2.34 -28.51
C THR B 352 22.63 1.32 -27.80
N GLY B 353 22.01 0.29 -27.24
CA GLY B 353 22.78 -0.72 -26.53
C GLY B 353 22.11 -2.06 -26.48
N LYS B 354 22.91 -3.07 -26.16
CA LYS B 354 22.45 -4.45 -25.99
C LYS B 354 23.01 -5.02 -24.70
N TYR B 355 22.28 -5.96 -24.12
CA TYR B 355 22.61 -6.50 -22.81
C TYR B 355 22.17 -7.95 -22.74
N ALA B 356 22.93 -8.76 -22.01
CA ALA B 356 22.62 -10.18 -21.79
C ALA B 356 23.51 -10.71 -20.70
N ARG B 357 22.98 -11.68 -19.94
CA ARG B 357 23.75 -12.34 -18.88
C ARG B 357 23.19 -13.75 -18.71
N MET B 358 23.98 -14.75 -19.11
CA MET B 358 23.54 -16.16 -19.12
C MET B 358 24.00 -16.85 -17.83
N LYS B 359 23.50 -16.32 -16.71
CA LYS B 359 23.89 -16.87 -15.41
C LYS B 359 23.23 -18.21 -15.11
N GLY B 360 21.96 -18.38 -15.48
CA GLY B 360 21.17 -19.51 -15.07
C GLY B 360 20.07 -19.16 -14.08
N ALA B 361 20.23 -18.09 -13.31
CA ALA B 361 19.14 -17.47 -12.58
C ALA B 361 18.42 -16.44 -13.44
N HIS B 362 18.84 -16.28 -14.69
CA HIS B 362 18.22 -15.39 -15.66
C HIS B 362 16.87 -15.90 -16.14
N THR B 363 16.51 -17.14 -15.79
CA THR B 363 15.30 -17.76 -16.33
C THR B 363 14.08 -16.90 -16.08
N ASN B 364 14.08 -16.12 -15.00
CA ASN B 364 13.07 -15.11 -14.80
C ASN B 364 13.31 -13.95 -15.76
N ASP B 365 12.31 -13.64 -16.58
CA ASP B 365 12.45 -12.52 -17.51
C ASP B 365 12.47 -11.20 -16.75
N VAL B 366 11.74 -11.11 -15.65
CA VAL B 366 11.67 -9.86 -14.90
C VAL B 366 13.01 -9.53 -14.27
N LYS B 367 13.78 -10.54 -13.85
CA LYS B 367 15.10 -10.26 -13.30
C LYS B 367 16.03 -9.65 -14.34
N GLN B 368 16.05 -10.23 -15.54
CA GLN B 368 16.87 -9.68 -16.61
C GLN B 368 16.41 -8.27 -16.97
N LEU B 369 15.09 -8.06 -17.04
CA LEU B 369 14.59 -6.72 -17.38
C LEU B 369 14.95 -5.70 -16.31
N THR B 370 14.82 -6.07 -15.03
CA THR B 370 15.16 -5.13 -13.96
C THR B 370 16.64 -4.79 -13.99
N GLU B 371 17.51 -5.79 -14.16
CA GLU B 371 18.93 -5.50 -14.22
C GLU B 371 19.27 -4.61 -15.42
N ALA B 372 18.66 -4.89 -16.58
CA ALA B 372 18.90 -4.06 -17.76
C ALA B 372 18.45 -2.62 -17.53
N VAL B 373 17.27 -2.44 -16.93
CA VAL B 373 16.74 -1.10 -16.76
C VAL B 373 17.56 -0.32 -15.74
N GLN B 374 18.04 -0.99 -14.69
CA GLN B 374 18.91 -0.32 -13.73
C GLN B 374 20.21 0.11 -14.38
N LYS B 375 20.79 -0.77 -15.21
CA LYS B 375 22.04 -0.41 -15.88
C LYS B 375 21.84 0.77 -16.81
N ILE B 376 20.74 0.79 -17.57
CA ILE B 376 20.47 1.88 -18.50
C ILE B 376 20.31 3.19 -17.74
N ALA B 377 19.53 3.16 -16.65
CA ALA B 377 19.29 4.38 -15.90
C ALA B 377 20.57 4.90 -15.26
N THR B 378 21.41 4.01 -14.72
CA THR B 378 22.69 4.45 -14.18
C THR B 378 23.58 5.05 -15.27
N GLU B 379 23.58 4.44 -16.46
CA GLU B 379 24.37 4.99 -17.56
C GLU B 379 23.91 6.40 -17.92
N SER B 380 22.60 6.61 -17.98
CA SER B 380 22.10 7.95 -18.30
C SER B 380 22.42 8.94 -17.18
N ILE B 381 22.39 8.48 -15.93
CA ILE B 381 22.67 9.37 -14.81
C ILE B 381 24.13 9.81 -14.84
N VAL B 382 25.03 8.89 -15.20
CA VAL B 382 26.43 9.28 -15.39
C VAL B 382 26.56 10.24 -16.56
N ILE B 383 25.88 9.95 -17.67
CA ILE B 383 26.01 10.79 -18.86
C ILE B 383 25.26 12.12 -18.68
N TRP B 384 24.01 12.05 -18.25
CA TRP B 384 23.15 13.24 -18.16
C TRP B 384 22.65 13.40 -16.73
N GLY B 385 21.95 14.50 -16.49
CA GLY B 385 21.59 14.86 -15.13
C GLY B 385 20.60 13.91 -14.48
N LYS B 386 19.55 13.55 -15.20
CA LYS B 386 18.35 12.98 -14.57
C LYS B 386 18.07 11.57 -15.09
N THR B 387 17.36 10.80 -14.28
CA THR B 387 16.93 9.48 -14.70
C THR B 387 15.81 9.61 -15.74
N PRO B 388 15.85 8.84 -16.83
CA PRO B 388 14.88 9.06 -17.91
C PRO B 388 13.51 8.45 -17.66
N LYS B 389 12.64 8.60 -18.66
CA LYS B 389 11.38 7.86 -18.76
C LYS B 389 11.62 6.56 -19.49
N PHE B 390 10.81 5.55 -19.18
CA PHE B 390 11.07 4.19 -19.65
C PHE B 390 9.84 3.63 -20.34
N LYS B 391 10.06 2.85 -21.39
CA LYS B 391 9.02 2.11 -22.08
C LYS B 391 9.34 0.63 -21.95
N LEU B 392 8.51 -0.08 -21.13
CA LEU B 392 8.73 -1.47 -20.74
C LEU B 392 7.95 -2.41 -21.64
N PRO B 393 8.60 -3.41 -22.24
CA PRO B 393 7.87 -4.46 -22.98
C PRO B 393 7.45 -5.60 -22.05
N ILE B 394 6.37 -5.37 -21.31
CA ILE B 394 5.91 -6.33 -20.31
C ILE B 394 4.46 -6.00 -19.97
N GLN B 395 3.73 -7.01 -19.51
CA GLN B 395 2.36 -6.81 -19.05
C GLN B 395 2.35 -5.97 -17.79
N LYS B 396 1.29 -5.17 -17.63
CA LYS B 396 1.23 -4.21 -16.52
C LYS B 396 1.23 -4.93 -15.18
N GLU B 397 0.33 -5.87 -14.98
CA GLU B 397 0.18 -6.48 -13.67
C GLU B 397 1.37 -7.36 -13.32
N THR B 398 1.91 -8.09 -14.30
CA THR B 398 3.06 -8.94 -14.03
C THR B 398 4.27 -8.11 -13.62
N TRP B 399 4.55 -7.04 -14.37
CA TRP B 399 5.65 -6.15 -14.00
C TRP B 399 5.42 -5.52 -12.63
N GLU B 400 4.20 -5.05 -12.39
CA GLU B 400 3.89 -4.40 -11.12
C GLU B 400 4.09 -5.35 -9.96
N ALA B 401 3.72 -6.63 -10.14
CA ALA B 401 3.84 -7.59 -9.05
C ALA B 401 5.29 -8.03 -8.85
N TRP B 402 6.06 -8.19 -9.92
CA TRP B 402 7.38 -8.81 -9.83
C TRP B 402 8.51 -7.89 -10.31
N TRP B 403 8.43 -6.59 -10.02
CA TRP B 403 9.56 -5.70 -10.22
C TRP B 403 10.26 -5.32 -8.92
N THR B 404 9.56 -5.42 -7.79
CA THR B 404 10.10 -4.92 -6.53
C THR B 404 11.29 -5.74 -6.06
N GLU B 405 11.15 -7.07 -6.03
CA GLU B 405 12.14 -7.90 -5.37
C GLU B 405 13.50 -7.90 -6.07
N TYR B 406 13.52 -7.63 -7.38
CA TYR B 406 14.76 -7.60 -8.13
C TYR B 406 15.36 -6.21 -8.28
N TRP B 407 14.66 -5.17 -7.84
CA TRP B 407 15.21 -3.83 -7.86
C TRP B 407 16.33 -3.70 -6.82
N GLN B 408 17.39 -2.99 -7.18
CA GLN B 408 18.51 -2.80 -6.28
C GLN B 408 18.98 -1.35 -6.16
N ALA B 409 18.40 -0.43 -6.91
CA ALA B 409 18.82 0.97 -6.84
C ALA B 409 18.19 1.65 -5.63
N THR B 410 18.60 2.90 -5.41
CA THR B 410 18.10 3.69 -4.29
C THR B 410 16.92 4.59 -4.68
N TRP B 411 16.54 4.60 -5.94
CA TRP B 411 15.51 5.51 -6.45
C TRP B 411 14.62 4.75 -7.43
N ILE B 412 13.58 5.42 -7.90
CA ILE B 412 12.61 4.81 -8.81
C ILE B 412 12.39 5.71 -10.02
N PRO B 413 12.57 5.22 -11.23
CA PRO B 413 12.32 6.05 -12.40
C PRO B 413 10.85 6.06 -12.75
N GLU B 414 10.49 6.69 -13.86
CA GLU B 414 9.10 6.72 -14.33
C GLU B 414 8.97 5.83 -15.56
N TRP B 415 8.01 4.90 -15.50
CA TRP B 415 7.87 3.88 -16.53
C TRP B 415 6.47 3.89 -17.12
N GLU B 416 6.37 3.43 -18.37
CA GLU B 416 5.12 3.30 -19.10
C GLU B 416 5.15 1.98 -19.85
N PHE B 417 3.99 1.33 -19.93
CA PHE B 417 3.89 0.00 -20.52
C PHE B 417 3.45 0.09 -21.98
N VAL B 418 3.97 -0.84 -22.79
CA VAL B 418 3.61 -0.94 -24.20
C VAL B 418 3.13 -2.35 -24.47
N ASN B 419 2.02 -2.48 -25.21
CA ASN B 419 1.40 -3.77 -25.47
C ASN B 419 1.21 -4.05 -26.96
N THR B 420 1.92 -3.33 -27.83
CA THR B 420 1.81 -3.52 -29.27
C THR B 420 3.14 -4.01 -29.82
N PRO B 421 3.18 -5.15 -30.49
CA PRO B 421 4.45 -5.65 -31.04
C PRO B 421 4.99 -4.71 -32.10
N PRO B 422 6.32 -4.67 -32.27
CA PRO B 422 6.96 -3.83 -33.30
C PRO B 422 6.68 -4.31 -34.71
N1 A1BYY C . -18.71 -11.94 11.25
N3 A1BYY C . -9.72 -15.22 10.08
C4 A1BYY C . -13.98 -12.35 10.99
C5 A1BYY C . -12.76 -12.72 11.47
C6 A1BYY C . -11.71 -12.59 10.96
C7 A1BYY C . -11.47 -12.15 9.95
C8 A1BYY C . -10.03 -12.06 9.43
C10 A1BYY C . -11.23 -17.96 10.70
C13 A1BYY C . -13.34 -18.74 12.46
C15 A1BYY C . -13.36 -17.37 11.79
C17 A1BYY C . -7.49 -15.30 10.42
C20 A1BYY C . -11.70 -11.12 7.78
C21 A1BYY C . -12.43 -11.56 8.90
C22 A1BYY C . -13.91 -11.69 9.51
C1 A1BYY C . -17.72 -12.47 11.10
C11 A1BYY C . -11.22 -19.15 11.28
C12 A1BYY C . -12.34 -19.56 12.22
C14 A1BYY C . -14.46 -19.14 13.40
C16 A1BYY C . -12.39 -17.01 10.97
C18 A1BYY C . -9.80 -11.57 8.30
C19 A1BYY C . -10.52 -11.14 7.52
C2 A1BYY C . -16.40 -13.20 10.90
C3 A1BYY C . -15.29 -12.58 11.76
C9 A1BYY C . -9.28 -16.46 10.04
N2 A1BYY C . -8.63 -14.42 10.32
N4 A1BYY C . -10.14 -17.60 9.79
N5 A1BYY C . -15.29 -19.46 14.10
N6 A1BYY C . -7.95 -16.55 10.24
N7 A1BYY C . -6.13 -14.90 10.67
O1 A1BYY C . -7.37 -12.07 10.11
O2 A1BYY C . -8.80 -12.27 11.87
S1 A1BYY C . -8.65 -12.69 10.47
CL1 A1BYY C . -14.72 -16.27 12.14
#